data_7XY7
#
_entry.id   7XY7
#
_cell.length_a   1.00
_cell.length_b   1.00
_cell.length_c   1.00
_cell.angle_alpha   90.00
_cell.angle_beta   90.00
_cell.angle_gamma   90.00
#
_symmetry.space_group_name_H-M   'P 1'
#
loop_
_entity.id
_entity.type
_entity.pdbx_description
1 polymer 'Guanine nucleotide-binding protein G(s) subunit alpha isoforms short'
2 polymer 'Guanine nucleotide-binding protein G(I)/G(S)/G(T) subunit beta-1'
3 polymer 'Guanine nucleotide-binding protein G(I)/G(S)/G(O) subunit gamma-2'
4 polymer 'Soluble cytochrome b562,Adenosine receptor A2b,LgBiT'
5 non-polymer "N-ETHYL-5'-CARBOXAMIDO ADENOSINE"
#
loop_
_entity_poly.entity_id
_entity_poly.type
_entity_poly.pdbx_seq_one_letter_code
_entity_poly.pdbx_strand_id
1 'polypeptide(L)'
;TVSAEDKAAAERSKMIEKQLQKDKQVYRATHRLLLLGADNSGKSTIVKQMRIYHGGSGGSGGTSGIFETKFQVDKVNFHM
FDVGGQRDERRKWIQCFNDVTAIIFVVDSSDYNRLQEALNDFKSIWNNRWLRTISVILFLNKQDLLAEKVLAGKSKIEDY
FPEFARYTTPEDATPEPGEDPRVTRAKYFIRDEFLRISTASGDGRHYCYPHFTCAVDTENARRIFNDCRDIIQRMHLRQY
ELL
;
A
2 'polypeptide(L)'
;MSELDQLRQEAEQLKNQIRDARKACADATLSQITNNIDPVGRIQMRTRRTLRGHLAKIYAMHWGTDSRLLVSASQDGKLI
IWDSYTTNKVHAIPLRSSWVMTCAYAPSGNYVACGGLDNICSIYNLKTREGNVRVSRELAGHTGYLSCCRFLDDNQIVTS
SGDTTCALWDIETGQQTTTFTGHTGDVMSLSLAPDTRLFVSGACDASAKLWDVREGMCRQTFTGHESDINAICFFPNGNA
FATGSDDATCRLFDLRADQELMTYSHDNIICGITSVSFSKSGRLLLAGYDDFNCNVWDALKADRAGVLAGHDNRVSCLGV
TDDGMAVATGSWDSFLKIWNGSSGGGGSGGGGSSGVSGWRLFKKIS
;
B
3 'polypeptide(L)' MASNNTASIAQARKLVEQLKMEANIDRIKVSKAAADLMAYCEAHAKEDPLLTPVPASENPFREKKFFGSAGSA G
4 'polypeptide(L)'
;DYKDDDDAGRAHHHHHHHHHHADLEDNWETLNDNLKVIEKADNAAQVKDALTKMRAAALDAQKATPPKLEDKSPDSPEMK
DFRHGFDILVGQIDDALKLANEGKVKEAQAAAEQLKTTRNAYIQKYLENLYFQSLLETQDALYVALELVIAALSVAGNVL
VCAAVGTANTLQTPTNYFLVSLAAADVAVGLFAIPFAITISLGFCTDFYGCLFLACFVLVLTQSSIFSLLAVAVDRYLAI
CVPLRYKSLVTGTRARGVIAVLWVLAFGIGLTPFLGWNSKDSATNNCTEPWDGTTNESCCLVKCLFENVVPMSYMVYFNF
FGCVLPPLLIMLVIYIKIFLVACRQLQRTELMDHSRTTLQREIHAAKSLAMIVGIFALCWLPVHAVNCVTLFQPAQGKNK
PKWAMNMAILLSHANSVVNPIVYAYRNRDFRYTFHKIISRYLLCQADVKSGNGQAGVQPALGVGLNSMGTLVFTLEDFVG
DWEQTAAYNLDQVLEQGGVSSLLQNLAVSVTPIQRIVRSGENALKIDIHVIIPYEGLSADQMAQIEEVFKVVYPVDDHHF
KVILPYGTLVIDGVTPNMLNYFGRPYEGIAVFDGKKITVTGTLWNGNKIIDERLITPDGSMLFRVTIN
;
R
#
# COMPACT_ATOMS: atom_id res chain seq x y z
N THR A 1 29.57 -23.59 7.44
CA THR A 1 29.40 -24.90 6.82
C THR A 1 28.48 -24.81 5.62
N VAL A 2 29.05 -24.61 4.44
CA VAL A 2 28.31 -24.48 3.20
C VAL A 2 28.80 -25.53 2.21
N SER A 3 27.88 -26.33 1.68
CA SER A 3 28.19 -27.35 0.70
C SER A 3 27.92 -26.84 -0.70
N ALA A 4 28.06 -27.74 -1.68
CA ALA A 4 27.79 -27.36 -3.07
C ALA A 4 26.32 -27.07 -3.30
N GLU A 5 25.43 -27.81 -2.64
CA GLU A 5 24.01 -27.59 -2.79
C GLU A 5 23.61 -26.20 -2.32
N ASP A 6 24.18 -25.75 -1.19
CA ASP A 6 23.90 -24.41 -0.71
C ASP A 6 24.38 -23.36 -1.70
N LYS A 7 25.55 -23.59 -2.32
CA LYS A 7 26.04 -22.64 -3.31
C LYS A 7 25.12 -22.58 -4.53
N ALA A 8 24.64 -23.73 -4.98
CA ALA A 8 23.71 -23.75 -6.11
C ALA A 8 22.41 -23.03 -5.75
N ALA A 9 21.91 -23.23 -4.53
CA ALA A 9 20.70 -22.52 -4.09
C ALA A 9 20.94 -21.02 -4.05
N ALA A 10 22.11 -20.59 -3.57
CA ALA A 10 22.42 -19.17 -3.54
C ALA A 10 22.48 -18.59 -4.95
N GLU A 11 23.08 -19.33 -5.89
CA GLU A 11 23.14 -18.85 -7.27
C GLU A 11 21.75 -18.72 -7.87
N ARG A 12 20.89 -19.71 -7.63
CA ARG A 12 19.52 -19.64 -8.13
C ARG A 12 18.77 -18.44 -7.54
N SER A 13 18.93 -18.22 -6.24
CA SER A 13 18.28 -17.08 -5.60
C SER A 13 18.79 -15.76 -6.16
N LYS A 14 20.09 -15.67 -6.43
CA LYS A 14 20.65 -14.44 -6.99
C LYS A 14 20.10 -14.18 -8.39
N MET A 15 20.01 -15.22 -9.22
CA MET A 15 19.43 -15.04 -10.55
C MET A 15 17.97 -14.59 -10.46
N ILE A 16 17.20 -15.21 -9.56
CA ILE A 16 15.81 -14.82 -9.38
C ILE A 16 15.70 -13.36 -8.93
N GLU A 17 16.56 -12.95 -8.01
CA GLU A 17 16.53 -11.58 -7.52
C GLU A 17 16.89 -10.58 -8.62
N LYS A 18 17.86 -10.92 -9.47
CA LYS A 18 18.20 -10.03 -10.57
C LYS A 18 17.03 -9.88 -11.55
N GLN A 19 16.38 -10.99 -11.89
CA GLN A 19 15.20 -10.91 -12.76
C GLN A 19 14.09 -10.08 -12.10
N LEU A 20 13.92 -10.24 -10.79
CA LEU A 20 12.92 -9.45 -10.08
C LEU A 20 13.25 -7.97 -10.11
N GLN A 21 14.53 -7.62 -9.98
CA GLN A 21 14.92 -6.21 -10.08
C GLN A 21 14.60 -5.64 -11.45
N LYS A 22 14.89 -6.40 -12.51
CA LYS A 22 14.53 -5.93 -13.85
C LYS A 22 13.03 -5.74 -13.99
N ASP A 23 12.25 -6.69 -13.46
CA ASP A 23 10.79 -6.58 -13.53
C ASP A 23 10.29 -5.37 -12.76
N LYS A 24 10.86 -5.11 -11.58
CA LYS A 24 10.47 -3.93 -10.81
C LYS A 24 10.79 -2.65 -11.56
N GLN A 25 11.96 -2.59 -12.20
CA GLN A 25 12.31 -1.41 -12.98
C GLN A 25 11.33 -1.18 -14.12
N VAL A 26 10.92 -2.26 -14.80
CA VAL A 26 10.01 -2.09 -15.92
C VAL A 26 8.57 -1.87 -15.45
N TYR A 27 8.27 -2.20 -14.19
CA TYR A 27 6.90 -2.09 -13.69
C TYR A 27 6.63 -0.73 -13.05
N ARG A 28 7.54 -0.24 -12.21
CA ARG A 28 7.21 0.94 -11.42
C ARG A 28 7.04 2.20 -12.27
N ALA A 29 7.51 2.18 -13.51
CA ALA A 29 7.46 3.35 -14.37
C ALA A 29 6.30 3.34 -15.37
N THR A 30 5.16 2.74 -15.02
CA THR A 30 4.00 2.75 -15.90
C THR A 30 2.78 3.20 -15.11
N HIS A 31 1.80 3.73 -15.83
CA HIS A 31 0.56 4.23 -15.24
C HIS A 31 -0.59 3.30 -15.58
N ARG A 32 -1.55 3.23 -14.67
CA ARG A 32 -2.66 2.30 -14.78
C ARG A 32 -3.97 3.05 -14.77
N LEU A 33 -4.89 2.62 -15.62
CA LEU A 33 -6.22 3.22 -15.74
C LEU A 33 -7.27 2.12 -15.83
N LEU A 34 -8.41 2.35 -15.19
CA LEU A 34 -9.52 1.40 -15.19
C LEU A 34 -10.71 2.03 -15.88
N LEU A 35 -11.29 1.33 -16.85
CA LEU A 35 -12.37 1.83 -17.67
C LEU A 35 -13.69 1.22 -17.24
N LEU A 36 -14.73 2.04 -17.13
CA LEU A 36 -16.04 1.61 -16.70
C LEU A 36 -17.12 2.20 -17.58
N GLY A 37 -18.19 1.44 -17.76
CA GLY A 37 -19.32 1.86 -18.56
C GLY A 37 -20.39 0.79 -18.56
N ALA A 38 -21.45 1.06 -19.31
CA ALA A 38 -22.56 0.13 -19.46
C ALA A 38 -22.60 -0.37 -20.89
N ASP A 39 -23.54 -1.28 -21.14
CA ASP A 39 -23.77 -1.76 -22.50
C ASP A 39 -24.28 -0.61 -23.37
N ASN A 40 -23.91 -0.65 -24.65
CA ASN A 40 -24.25 0.36 -25.65
C ASN A 40 -23.57 1.70 -25.37
N SER A 41 -22.65 1.76 -24.42
CA SER A 41 -21.93 3.00 -24.16
C SER A 41 -20.82 3.25 -25.19
N GLY A 42 -20.31 2.19 -25.81
CA GLY A 42 -19.24 2.34 -26.78
C GLY A 42 -17.88 2.40 -26.14
N LYS A 43 -17.71 1.71 -25.01
CA LYS A 43 -16.47 1.73 -24.26
C LYS A 43 -15.35 0.94 -24.93
N SER A 44 -15.67 0.14 -25.95
CA SER A 44 -14.67 -0.68 -26.63
C SER A 44 -14.00 0.03 -27.79
N THR A 45 -14.45 1.23 -28.15
CA THR A 45 -13.95 1.93 -29.32
C THR A 45 -13.65 3.39 -29.00
N ILE A 46 -12.96 3.63 -27.88
CA ILE A 46 -12.55 4.98 -27.56
C ILE A 46 -11.12 5.27 -28.02
N VAL A 47 -10.32 4.23 -28.24
CA VAL A 47 -8.95 4.41 -28.73
C VAL A 47 -8.73 3.58 -30.00
N ILE A 66 -9.47 -6.47 -25.98
CA ILE A 66 -10.38 -5.49 -25.40
C ILE A 66 -10.26 -5.49 -23.88
N PHE A 67 -9.84 -6.62 -23.33
CA PHE A 67 -9.70 -6.74 -21.88
C PHE A 67 -8.59 -5.84 -21.35
N GLU A 68 -7.48 -5.75 -22.07
CA GLU A 68 -6.34 -4.95 -21.65
C GLU A 68 -5.77 -4.22 -22.87
N THR A 69 -5.11 -3.09 -22.60
CA THR A 69 -4.54 -2.30 -23.68
C THR A 69 -3.31 -1.56 -23.19
N LYS A 70 -2.27 -1.56 -24.01
CA LYS A 70 -1.06 -0.78 -23.75
C LYS A 70 -0.91 0.31 -24.80
N PHE A 71 -0.61 1.53 -24.37
CA PHE A 71 -0.34 2.58 -25.34
C PHE A 71 0.57 3.63 -24.73
N GLN A 72 1.41 4.23 -25.56
CA GLN A 72 2.37 5.23 -25.10
C GLN A 72 2.13 6.54 -25.83
N VAL A 73 2.28 7.64 -25.10
CA VAL A 73 2.14 8.99 -25.64
C VAL A 73 3.28 9.84 -25.10
N ASP A 74 4.00 10.52 -25.99
CA ASP A 74 5.11 11.39 -25.63
C ASP A 74 6.14 10.66 -24.76
N LYS A 75 6.42 9.40 -25.15
CA LYS A 75 7.37 8.55 -24.43
C LYS A 75 6.95 8.35 -22.97
N VAL A 76 5.65 8.25 -22.73
CA VAL A 76 5.09 7.93 -21.43
C VAL A 76 4.10 6.79 -21.61
N ASN A 77 4.25 5.75 -20.78
CA ASN A 77 3.42 4.55 -20.93
C ASN A 77 2.07 4.74 -20.26
N PHE A 78 1.09 3.95 -20.72
CA PHE A 78 -0.24 3.93 -20.16
C PHE A 78 -0.88 2.58 -20.36
N HIS A 79 -1.59 2.12 -19.34
CA HIS A 79 -2.25 0.83 -19.33
C HIS A 79 -3.74 1.02 -19.12
N MET A 80 -4.54 0.25 -19.85
CA MET A 80 -6.00 0.37 -19.83
C MET A 80 -6.60 -0.99 -19.48
N PHE A 81 -7.44 -1.00 -18.45
CA PHE A 81 -8.01 -2.21 -17.87
C PHE A 81 -9.51 -2.18 -18.03
N ASP A 82 -10.10 -3.35 -18.30
CA ASP A 82 -11.54 -3.47 -18.46
C ASP A 82 -11.98 -4.80 -17.89
N VAL A 83 -13.01 -4.78 -17.03
CA VAL A 83 -13.59 -5.99 -16.46
C VAL A 83 -15.06 -6.00 -16.83
N GLY A 84 -15.49 -7.02 -17.57
CA GLY A 84 -16.85 -7.08 -18.06
C GLY A 84 -17.49 -8.44 -17.93
N GLY A 85 -16.77 -9.41 -17.35
CA GLY A 85 -17.31 -10.73 -17.14
C GLY A 85 -18.18 -10.88 -15.91
N GLN A 86 -18.38 -9.80 -15.17
CA GLN A 86 -19.15 -9.81 -13.93
C GLN A 86 -20.55 -9.26 -14.20
N ARG A 87 -21.30 -8.99 -13.13
CA ARG A 87 -22.67 -8.53 -13.18
C ARG A 87 -22.77 -7.12 -12.61
N ASP A 88 -24.00 -6.66 -12.41
CA ASP A 88 -24.23 -5.27 -12.01
C ASP A 88 -23.51 -4.95 -10.69
N GLU A 89 -23.56 -5.86 -9.73
CA GLU A 89 -22.86 -5.63 -8.47
C GLU A 89 -21.36 -5.78 -8.67
N ARG A 90 -20.60 -4.82 -8.14
CA ARG A 90 -19.15 -4.83 -8.30
C ARG A 90 -18.42 -4.46 -7.01
N ARG A 91 -19.10 -4.47 -5.87
CA ARG A 91 -18.51 -3.97 -4.63
C ARG A 91 -17.41 -4.88 -4.09
N LYS A 92 -17.25 -6.09 -4.63
CA LYS A 92 -16.31 -7.04 -4.04
C LYS A 92 -14.92 -6.93 -4.64
N TRP A 93 -14.81 -6.84 -5.96
CA TRP A 93 -13.51 -6.77 -6.61
C TRP A 93 -13.01 -5.36 -6.81
N ILE A 94 -13.77 -4.35 -6.37
CA ILE A 94 -13.32 -2.97 -6.48
C ILE A 94 -12.30 -2.61 -5.42
N GLN A 95 -12.11 -3.45 -4.41
CA GLN A 95 -11.14 -3.16 -3.36
C GLN A 95 -9.71 -3.29 -3.87
N CYS A 96 -9.49 -4.09 -4.91
CA CYS A 96 -8.15 -4.25 -5.46
C CYS A 96 -7.65 -2.96 -6.09
N PHE A 97 -8.54 -2.23 -6.77
CA PHE A 97 -8.16 -1.03 -7.52
C PHE A 97 -8.19 0.20 -6.61
N ASN A 98 -7.36 0.18 -5.58
CA ASN A 98 -7.23 1.30 -4.66
C ASN A 98 -5.99 2.15 -4.93
N ASP A 99 -5.20 1.82 -5.95
CA ASP A 99 -3.99 2.57 -6.28
C ASP A 99 -3.97 3.03 -7.73
N VAL A 100 -5.08 2.92 -8.45
CA VAL A 100 -5.14 3.38 -9.83
C VAL A 100 -5.02 4.89 -9.87
N THR A 101 -4.34 5.39 -10.91
CA THR A 101 -4.14 6.83 -11.04
C THR A 101 -5.46 7.56 -11.24
N ALA A 102 -6.34 7.03 -12.08
CA ALA A 102 -7.63 7.64 -12.33
C ALA A 102 -8.59 6.56 -12.85
N ILE A 103 -9.89 6.87 -12.78
CA ILE A 103 -10.93 5.97 -13.25
C ILE A 103 -11.67 6.65 -14.39
N ILE A 104 -11.74 5.98 -15.53
CA ILE A 104 -12.41 6.52 -16.71
C ILE A 104 -13.83 5.99 -16.73
N PHE A 105 -14.80 6.88 -16.91
CA PHE A 105 -16.21 6.54 -16.93
C PHE A 105 -16.83 7.01 -18.23
N VAL A 106 -17.48 6.10 -18.96
CA VAL A 106 -18.10 6.41 -20.24
C VAL A 106 -19.60 6.40 -20.07
N VAL A 107 -20.27 7.46 -20.53
CA VAL A 107 -21.71 7.61 -20.37
C VAL A 107 -22.32 7.94 -21.73
N ASP A 108 -23.36 7.20 -22.09
CA ASP A 108 -24.09 7.47 -23.33
C ASP A 108 -25.12 8.57 -23.09
N SER A 109 -25.41 9.32 -24.16
CA SER A 109 -26.36 10.42 -24.09
C SER A 109 -27.47 10.32 -25.11
N SER A 110 -27.46 9.30 -25.96
CA SER A 110 -28.51 9.17 -26.97
C SER A 110 -29.83 8.71 -26.37
N ASP A 111 -29.77 7.76 -25.44
CA ASP A 111 -30.98 7.19 -24.84
C ASP A 111 -31.34 7.98 -23.59
N TYR A 112 -32.47 8.67 -23.65
CA TYR A 112 -32.92 9.47 -22.50
C TYR A 112 -33.50 8.57 -21.42
N ASN A 113 -34.19 7.49 -21.81
CA ASN A 113 -34.80 6.60 -20.82
C ASN A 113 -33.74 5.90 -19.98
N ARG A 114 -32.70 5.37 -20.62
CA ARG A 114 -31.62 4.70 -19.88
C ARG A 114 -30.51 5.68 -19.54
N LEU A 115 -30.88 6.78 -18.91
CA LEU A 115 -29.93 7.79 -18.44
C LEU A 115 -29.94 7.95 -16.93
N GLN A 116 -31.11 8.08 -16.31
CA GLN A 116 -31.19 8.21 -14.86
C GLN A 116 -30.51 7.06 -14.16
N GLU A 117 -30.74 5.83 -14.63
CA GLU A 117 -30.05 4.67 -14.08
C GLU A 117 -28.54 4.87 -14.09
N ALA A 118 -28.00 5.39 -15.20
CA ALA A 118 -26.57 5.64 -15.28
C ALA A 118 -26.12 6.56 -14.16
N LEU A 119 -26.91 7.60 -13.87
CA LEU A 119 -26.55 8.51 -12.78
C LEU A 119 -26.38 7.76 -11.48
N ASN A 120 -27.25 6.78 -11.22
CA ASN A 120 -27.14 5.99 -10.00
C ASN A 120 -25.80 5.27 -9.96
N ASP A 121 -25.38 4.69 -11.10
CA ASP A 121 -24.09 4.01 -11.13
C ASP A 121 -22.95 4.98 -10.88
N PHE A 122 -23.15 6.28 -11.14
CA PHE A 122 -22.12 7.26 -10.85
C PHE A 122 -22.06 7.57 -9.36
N LYS A 123 -23.18 7.42 -8.65
CA LYS A 123 -23.21 7.79 -7.23
C LYS A 123 -22.31 6.89 -6.41
N SER A 124 -22.48 5.57 -6.53
CA SER A 124 -21.75 4.64 -5.68
C SER A 124 -20.25 4.77 -5.90
N ILE A 125 -19.82 4.87 -7.16
CA ILE A 125 -18.40 5.06 -7.47
C ILE A 125 -17.88 6.30 -6.77
N TRP A 126 -18.66 7.37 -6.74
CA TRP A 126 -18.21 8.59 -6.10
C TRP A 126 -18.23 8.47 -4.58
N ASN A 127 -19.00 7.53 -4.04
CA ASN A 127 -19.20 7.42 -2.60
C ASN A 127 -18.68 6.12 -2.02
N ASN A 128 -18.03 5.29 -2.82
CA ASN A 128 -17.46 4.05 -2.30
C ASN A 128 -16.29 4.37 -1.37
N ARG A 129 -16.20 3.62 -0.27
CA ARG A 129 -15.21 3.92 0.76
C ARG A 129 -13.80 3.50 0.38
N TRP A 130 -13.65 2.66 -0.66
CA TRP A 130 -12.34 2.24 -1.11
C TRP A 130 -11.78 3.12 -2.22
N LEU A 131 -12.57 4.08 -2.71
CA LEU A 131 -12.16 4.99 -3.79
C LEU A 131 -12.32 6.43 -3.35
N ARG A 132 -11.90 6.73 -2.11
CA ARG A 132 -12.08 8.07 -1.56
C ARG A 132 -11.08 9.08 -2.10
N THR A 133 -9.93 8.63 -2.62
CA THR A 133 -8.89 9.53 -3.10
C THR A 133 -8.55 9.24 -4.56
N ILE A 134 -9.54 8.85 -5.35
CA ILE A 134 -9.34 8.49 -6.75
C ILE A 134 -10.19 9.43 -7.60
N SER A 135 -9.58 10.05 -8.60
CA SER A 135 -10.26 10.97 -9.49
C SER A 135 -10.90 10.23 -10.67
N VAL A 136 -11.91 10.86 -11.25
CA VAL A 136 -12.73 10.26 -12.30
C VAL A 136 -12.74 11.18 -13.51
N ILE A 137 -12.59 10.60 -14.69
CA ILE A 137 -12.63 11.30 -15.96
C ILE A 137 -13.87 10.85 -16.72
N LEU A 138 -14.75 11.81 -17.05
CA LEU A 138 -16.02 11.52 -17.68
C LEU A 138 -15.92 11.69 -19.19
N PHE A 139 -16.52 10.77 -19.92
CA PHE A 139 -16.60 10.81 -21.38
C PHE A 139 -18.06 10.67 -21.78
N LEU A 140 -18.66 11.78 -22.20
CA LEU A 140 -20.02 11.77 -22.73
C LEU A 140 -19.96 11.38 -24.21
N ASN A 141 -20.30 10.13 -24.50
CA ASN A 141 -20.12 9.59 -25.83
C ASN A 141 -21.36 9.79 -26.69
N LYS A 142 -21.18 9.55 -27.99
CA LYS A 142 -22.26 9.57 -28.98
C LYS A 142 -22.97 10.93 -29.02
N GLN A 143 -22.21 11.95 -29.39
CA GLN A 143 -22.77 13.30 -29.53
C GLN A 143 -23.43 13.52 -30.88
N ASP A 144 -22.98 12.85 -31.93
CA ASP A 144 -23.63 12.98 -33.23
C ASP A 144 -25.05 12.45 -33.20
N LEU A 145 -25.26 11.32 -32.52
CA LEU A 145 -26.60 10.77 -32.40
C LEU A 145 -27.52 11.73 -31.63
N LEU A 146 -27.02 12.32 -30.55
CA LEU A 146 -27.81 13.30 -29.81
C LEU A 146 -28.13 14.51 -30.68
N ALA A 147 -27.15 14.99 -31.45
CA ALA A 147 -27.40 16.15 -32.31
C ALA A 147 -28.47 15.86 -33.34
N GLU A 148 -28.37 14.70 -34.00
CA GLU A 148 -29.38 14.34 -35.00
C GLU A 148 -30.75 14.16 -34.35
N LYS A 149 -30.80 13.53 -33.17
CA LYS A 149 -32.07 13.28 -32.50
C LYS A 149 -32.73 14.58 -32.07
N VAL A 150 -31.95 15.54 -31.58
CA VAL A 150 -32.53 16.78 -31.09
C VAL A 150 -32.83 17.74 -32.22
N LEU A 151 -32.15 17.60 -33.37
CA LEU A 151 -32.51 18.40 -34.53
C LEU A 151 -33.86 17.98 -35.10
N ALA A 152 -34.13 16.68 -35.12
CA ALA A 152 -35.43 16.19 -35.54
C ALA A 152 -36.50 16.47 -34.49
N GLY A 153 -37.75 16.31 -34.88
CA GLY A 153 -38.87 16.66 -34.03
C GLY A 153 -39.37 15.60 -33.09
N LYS A 154 -38.71 14.44 -33.03
CA LYS A 154 -39.16 13.34 -32.18
C LYS A 154 -38.57 13.40 -30.78
N SER A 155 -37.84 14.45 -30.44
CA SER A 155 -37.29 14.58 -29.10
C SER A 155 -38.36 14.96 -28.10
N LYS A 156 -38.31 14.34 -26.93
CA LYS A 156 -39.26 14.58 -25.85
C LYS A 156 -38.51 14.73 -24.53
N ILE A 157 -37.49 15.59 -24.53
CA ILE A 157 -36.59 15.70 -23.38
C ILE A 157 -37.36 16.09 -22.12
N GLU A 158 -38.34 16.98 -22.26
CA GLU A 158 -39.09 17.44 -21.10
C GLU A 158 -39.86 16.30 -20.44
N ASP A 159 -40.38 15.37 -21.25
CA ASP A 159 -41.14 14.26 -20.69
C ASP A 159 -40.27 13.38 -19.79
N TYR A 160 -39.06 13.07 -20.23
CA TYR A 160 -38.15 12.25 -19.43
C TYR A 160 -37.46 13.04 -18.33
N PHE A 161 -37.49 14.37 -18.38
CA PHE A 161 -36.86 15.22 -17.37
C PHE A 161 -37.70 16.48 -17.21
N PRO A 162 -38.47 16.58 -16.13
CA PRO A 162 -39.41 17.71 -16.01
C PRO A 162 -38.75 19.06 -15.81
N GLU A 163 -37.53 19.10 -15.27
CA GLU A 163 -36.90 20.36 -14.91
C GLU A 163 -36.17 21.02 -16.09
N PHE A 164 -36.21 20.43 -17.27
CA PHE A 164 -35.48 20.98 -18.41
C PHE A 164 -36.08 22.30 -18.90
N ALA A 165 -37.36 22.55 -18.62
CA ALA A 165 -38.02 23.73 -19.16
C ALA A 165 -37.40 25.02 -18.65
N ARG A 166 -37.07 25.08 -17.36
CA ARG A 166 -36.55 26.30 -16.76
C ARG A 166 -35.07 26.53 -17.04
N TYR A 167 -34.37 25.56 -17.63
CA TYR A 167 -32.93 25.68 -17.80
C TYR A 167 -32.58 26.68 -18.90
N THR A 168 -31.43 27.34 -18.72
CA THR A 168 -30.87 28.24 -19.72
C THR A 168 -29.37 27.99 -19.82
N THR A 169 -28.82 28.30 -20.99
CA THR A 169 -27.42 28.02 -21.25
C THR A 169 -26.53 28.89 -20.37
N PRO A 170 -25.52 28.32 -19.70
CA PRO A 170 -24.64 29.14 -18.87
C PRO A 170 -23.79 30.08 -19.70
N GLU A 171 -23.46 31.22 -19.10
CA GLU A 171 -22.60 32.18 -19.78
C GLU A 171 -21.17 31.68 -19.89
N ASP A 172 -20.74 30.84 -18.94
CA ASP A 172 -19.38 30.30 -18.97
C ASP A 172 -19.18 29.26 -20.07
N ALA A 173 -20.25 28.81 -20.71
CA ALA A 173 -20.14 27.84 -21.78
C ALA A 173 -19.47 28.44 -23.00
N THR A 174 -18.80 27.60 -23.78
CA THR A 174 -18.08 28.01 -24.98
C THR A 174 -18.56 27.15 -26.14
N PRO A 175 -19.71 27.48 -26.73
CA PRO A 175 -20.22 26.69 -27.84
C PRO A 175 -19.29 26.72 -29.04
N GLU A 176 -19.18 25.60 -29.72
CA GLU A 176 -18.38 25.51 -30.94
C GLU A 176 -19.13 26.18 -32.09
N PRO A 177 -18.50 27.09 -32.83
CA PRO A 177 -19.22 27.79 -33.91
C PRO A 177 -19.72 26.82 -34.97
N GLY A 178 -20.93 27.11 -35.47
CA GLY A 178 -21.55 26.28 -36.48
C GLY A 178 -22.42 25.18 -35.92
N GLU A 179 -23.31 25.53 -34.98
CA GLU A 179 -24.21 24.55 -34.39
C GLU A 179 -25.49 25.25 -33.95
N ASP A 180 -26.54 24.45 -33.83
CA ASP A 180 -27.83 24.96 -33.38
C ASP A 180 -27.76 25.30 -31.90
N PRO A 181 -28.37 26.40 -31.45
CA PRO A 181 -28.43 26.65 -30.00
C PRO A 181 -29.14 25.56 -29.21
N ARG A 182 -30.12 24.89 -29.83
CA ARG A 182 -30.86 23.85 -29.12
C ARG A 182 -29.93 22.70 -28.73
N VAL A 183 -29.04 22.30 -29.64
CA VAL A 183 -28.17 21.17 -29.35
C VAL A 183 -27.19 21.51 -28.24
N THR A 184 -26.67 22.75 -28.21
CA THR A 184 -25.75 23.10 -27.13
C THR A 184 -26.47 23.21 -25.79
N ARG A 185 -27.71 23.72 -25.80
CA ARG A 185 -28.48 23.76 -24.56
C ARG A 185 -28.72 22.36 -24.02
N ALA A 186 -29.21 21.45 -24.88
CA ALA A 186 -29.44 20.08 -24.45
C ALA A 186 -28.14 19.40 -24.03
N LYS A 187 -27.03 19.74 -24.70
CA LYS A 187 -25.76 19.10 -24.40
C LYS A 187 -25.24 19.50 -23.03
N TYR A 188 -25.34 20.79 -22.68
CA TYR A 188 -24.89 21.22 -21.37
C TYR A 188 -25.85 20.82 -20.26
N PHE A 189 -27.13 20.64 -20.57
CA PHE A 189 -28.08 20.17 -19.56
C PHE A 189 -27.63 18.85 -18.96
N ILE A 190 -27.22 17.90 -19.80
CA ILE A 190 -26.80 16.59 -19.31
C ILE A 190 -25.58 16.71 -18.42
N ARG A 191 -24.60 17.52 -18.82
CA ARG A 191 -23.41 17.71 -18.01
C ARG A 191 -23.73 18.32 -16.66
N ASP A 192 -24.81 19.10 -16.56
CA ASP A 192 -25.15 19.73 -15.28
C ASP A 192 -25.38 18.70 -14.18
N GLU A 193 -26.19 17.66 -14.45
CA GLU A 193 -26.49 16.72 -13.37
C GLU A 193 -25.28 15.88 -13.02
N PHE A 194 -24.40 15.58 -13.98
CA PHE A 194 -23.20 14.83 -13.68
C PHE A 194 -22.23 15.64 -12.84
N LEU A 195 -22.17 16.95 -13.06
CA LEU A 195 -21.34 17.80 -12.20
C LEU A 195 -21.97 18.05 -10.85
N ARG A 196 -23.31 17.99 -10.76
CA ARG A 196 -23.97 18.23 -9.49
C ARG A 196 -23.59 17.19 -8.45
N ILE A 197 -23.53 15.92 -8.85
CA ILE A 197 -23.15 14.87 -7.90
C ILE A 197 -21.72 15.07 -7.40
N SER A 198 -20.81 15.43 -8.31
CA SER A 198 -19.43 15.68 -7.90
C SER A 198 -19.33 16.85 -6.95
N THR A 199 -20.10 17.91 -7.21
CA THR A 199 -20.06 19.08 -6.34
C THR A 199 -20.70 18.82 -4.98
N ALA A 200 -21.72 17.96 -4.93
CA ALA A 200 -22.46 17.75 -3.68
C ALA A 200 -21.58 17.13 -2.61
N SER A 201 -20.80 16.12 -2.95
CA SER A 201 -19.97 15.40 -1.98
C SER A 201 -18.56 15.26 -2.52
N GLY A 202 -17.58 15.32 -1.61
CA GLY A 202 -16.19 15.18 -1.98
C GLY A 202 -15.54 16.49 -2.35
N ASP A 203 -14.48 16.86 -1.64
CA ASP A 203 -13.75 18.09 -1.95
C ASP A 203 -12.31 17.95 -1.47
N GLY A 204 -11.37 18.33 -2.32
CA GLY A 204 -9.96 18.32 -1.97
C GLY A 204 -9.24 17.02 -2.21
N ARG A 205 -9.95 15.90 -2.39
CA ARG A 205 -9.30 14.63 -2.69
C ARG A 205 -9.52 14.14 -4.11
N HIS A 206 -10.66 14.45 -4.73
CA HIS A 206 -10.91 14.01 -6.09
C HIS A 206 -11.93 14.93 -6.74
N TYR A 207 -11.86 15.01 -8.07
CA TYR A 207 -12.73 15.88 -8.86
C TYR A 207 -13.07 15.17 -10.16
N CYS A 208 -13.88 15.85 -10.99
CA CYS A 208 -14.31 15.32 -12.27
C CYS A 208 -13.80 16.22 -13.39
N TYR A 209 -13.54 15.61 -14.55
CA TYR A 209 -13.05 16.32 -15.73
C TYR A 209 -13.96 15.99 -16.90
N PRO A 210 -14.93 16.84 -17.21
CA PRO A 210 -15.86 16.54 -18.31
C PRO A 210 -15.19 16.64 -19.66
N HIS A 211 -15.71 15.87 -20.61
CA HIS A 211 -15.27 15.92 -22.00
C HIS A 211 -16.43 15.53 -22.89
N PHE A 212 -16.37 15.96 -24.15
CA PHE A 212 -17.40 15.68 -25.13
C PHE A 212 -16.78 14.83 -26.24
N THR A 213 -16.92 13.52 -26.12
CA THR A 213 -16.25 12.58 -27.01
C THR A 213 -17.23 12.02 -28.04
N CYS A 214 -16.83 12.06 -29.31
CA CYS A 214 -17.59 11.47 -30.40
C CYS A 214 -16.99 10.13 -30.77
N ALA A 215 -17.67 9.42 -31.69
CA ALA A 215 -17.22 8.08 -32.08
C ALA A 215 -15.98 8.11 -32.96
N VAL A 216 -15.77 9.19 -33.72
CA VAL A 216 -14.68 9.29 -34.68
C VAL A 216 -13.53 10.13 -34.15
N ASP A 217 -13.63 10.66 -32.94
CA ASP A 217 -12.57 11.51 -32.39
C ASP A 217 -11.29 10.70 -32.18
N THR A 218 -10.15 11.34 -32.43
CA THR A 218 -8.85 10.71 -32.28
C THR A 218 -7.95 11.43 -31.27
N GLU A 219 -8.49 12.38 -30.51
CA GLU A 219 -7.70 13.17 -29.57
C GLU A 219 -7.89 12.74 -28.13
N ASN A 220 -8.40 11.53 -27.89
CA ASN A 220 -8.65 11.08 -26.52
C ASN A 220 -7.36 10.90 -25.72
N ALA A 221 -6.31 10.37 -26.36
CA ALA A 221 -5.05 10.13 -25.67
C ALA A 221 -4.47 11.43 -25.14
N ARG A 222 -4.53 12.50 -25.92
CA ARG A 222 -4.02 13.80 -25.48
C ARG A 222 -4.79 14.30 -24.26
N ARG A 223 -6.11 14.13 -24.27
CA ARG A 223 -6.92 14.57 -23.13
C ARG A 223 -6.58 13.77 -21.87
N ILE A 224 -6.43 12.45 -22.00
CA ILE A 224 -6.04 11.64 -20.85
C ILE A 224 -4.66 12.05 -20.34
N PHE A 225 -3.72 12.29 -21.25
CA PHE A 225 -2.40 12.78 -20.83
C PHE A 225 -2.52 14.06 -20.04
N ASN A 226 -3.28 15.03 -20.56
CA ASN A 226 -3.37 16.35 -19.93
C ASN A 226 -3.99 16.26 -18.54
N ASP A 227 -5.10 15.53 -18.39
CA ASP A 227 -5.74 15.53 -17.07
C ASP A 227 -5.04 14.60 -16.08
N CYS A 228 -4.42 13.51 -16.54
CA CYS A 228 -3.60 12.71 -15.65
C CYS A 228 -2.39 13.48 -15.12
N ARG A 229 -1.77 14.31 -15.96
CA ARG A 229 -0.71 15.18 -15.48
C ARG A 229 -1.19 16.10 -14.37
N ASP A 230 -2.39 16.67 -14.54
CA ASP A 230 -2.95 17.54 -13.52
C ASP A 230 -3.20 16.79 -12.22
N ILE A 231 -3.74 15.56 -12.30
CA ILE A 231 -4.00 14.78 -11.09
C ILE A 231 -2.70 14.51 -10.34
N ILE A 232 -1.67 14.06 -11.06
CA ILE A 232 -0.41 13.74 -10.41
C ILE A 232 0.22 14.99 -9.81
N GLN A 233 0.19 16.11 -10.54
CA GLN A 233 0.76 17.35 -10.03
C GLN A 233 0.03 17.81 -8.77
N ARG A 234 -1.29 17.70 -8.76
CA ARG A 234 -2.06 18.09 -7.58
C ARG A 234 -1.71 17.22 -6.39
N MET A 235 -1.58 15.90 -6.58
CA MET A 235 -1.20 15.04 -5.48
C MET A 235 0.18 15.40 -4.94
N HIS A 236 1.14 15.64 -5.83
CA HIS A 236 2.49 15.97 -5.38
C HIS A 236 2.52 17.31 -4.65
N LEU A 237 1.76 18.30 -5.14
CA LEU A 237 1.66 19.56 -4.42
C LEU A 237 1.04 19.38 -3.05
N ARG A 238 0.02 18.55 -2.94
CA ARG A 238 -0.61 18.31 -1.65
C ARG A 238 0.32 17.61 -0.68
N GLN A 239 1.20 16.72 -1.16
CA GLN A 239 2.05 15.97 -0.26
C GLN A 239 2.98 16.86 0.56
N TYR A 240 3.51 17.94 -0.02
CA TYR A 240 4.37 18.86 0.71
C TYR A 240 3.57 19.90 1.49
N GLU A 241 2.25 19.79 1.52
CA GLU A 241 1.38 20.64 2.33
C GLU A 241 1.55 22.12 1.96
N LEU A 242 1.27 22.43 0.71
CA LEU A 242 1.23 23.81 0.27
C LEU A 242 0.06 24.11 -0.66
N LEU A 243 -0.97 23.28 -0.67
CA LEU A 243 -2.14 23.52 -1.49
C LEU A 243 -3.39 23.71 -0.62
N ASP B 5 -49.71 -17.61 -0.67
CA ASP B 5 -49.80 -18.88 -1.39
C ASP B 5 -49.65 -20.06 -0.44
N GLN B 6 -49.97 -21.26 -0.94
CA GLN B 6 -49.79 -22.46 -0.14
C GLN B 6 -48.33 -22.81 0.02
N LEU B 7 -47.52 -22.57 -1.02
CA LEU B 7 -46.10 -22.91 -0.96
C LEU B 7 -45.37 -22.10 0.10
N ARG B 8 -45.65 -20.79 0.17
CA ARG B 8 -45.01 -19.96 1.19
C ARG B 8 -45.48 -20.31 2.59
N GLN B 9 -46.75 -20.70 2.74
CA GLN B 9 -47.23 -21.15 4.04
C GLN B 9 -46.52 -22.43 4.47
N GLU B 10 -46.33 -23.36 3.53
CA GLU B 10 -45.60 -24.58 3.85
C GLU B 10 -44.15 -24.27 4.20
N ALA B 11 -43.54 -23.32 3.49
CA ALA B 11 -42.17 -22.92 3.81
C ALA B 11 -42.08 -22.32 5.20
N GLU B 12 -43.05 -21.48 5.56
CA GLU B 12 -43.06 -20.90 6.91
C GLU B 12 -43.24 -21.98 7.97
N GLN B 13 -44.12 -22.95 7.71
CA GLN B 13 -44.30 -24.06 8.64
C GLN B 13 -43.00 -24.84 8.82
N LEU B 14 -42.31 -25.13 7.71
CA LEU B 14 -41.05 -25.87 7.80
C LEU B 14 -39.99 -25.08 8.54
N LYS B 15 -39.93 -23.76 8.31
CA LYS B 15 -38.95 -22.93 9.00
C LYS B 15 -39.23 -22.90 10.51
N ASN B 16 -40.50 -22.79 10.90
CA ASN B 16 -40.84 -22.84 12.32
C ASN B 16 -40.52 -24.19 12.92
N GLN B 17 -40.78 -25.27 12.18
CA GLN B 17 -40.42 -26.61 12.64
C GLN B 17 -38.93 -26.71 12.89
N ILE B 18 -38.11 -26.20 11.96
CA ILE B 18 -36.67 -26.22 12.13
C ILE B 18 -36.26 -25.40 13.34
N ARG B 19 -36.87 -24.23 13.52
CA ARG B 19 -36.52 -23.38 14.65
C ARG B 19 -36.80 -24.06 15.98
N ASP B 20 -37.99 -24.67 16.13
CA ASP B 20 -38.31 -25.30 17.41
C ASP B 20 -37.47 -26.56 17.62
N ALA B 21 -37.19 -27.31 16.54
CA ALA B 21 -36.32 -28.48 16.68
C ALA B 21 -34.93 -28.07 17.14
N ARG B 22 -34.40 -26.98 16.58
CA ARG B 22 -33.10 -26.47 17.04
C ARG B 22 -33.16 -26.04 18.49
N LYS B 23 -34.23 -25.34 18.88
CA LYS B 23 -34.33 -24.87 20.25
C LYS B 23 -34.46 -26.02 21.25
N ALA B 24 -35.06 -27.14 20.84
CA ALA B 24 -35.28 -28.25 21.76
C ALA B 24 -33.97 -28.86 22.23
N CYS B 25 -32.97 -28.95 21.37
CA CYS B 25 -31.74 -29.67 21.70
C CYS B 25 -30.78 -28.88 22.57
N ALA B 26 -31.05 -27.60 22.84
CA ALA B 26 -30.15 -26.78 23.63
C ALA B 26 -30.16 -27.26 25.08
N ASP B 27 -29.01 -27.76 25.54
CA ASP B 27 -28.90 -28.28 26.90
C ASP B 27 -28.35 -27.23 27.87
N ALA B 28 -27.14 -26.74 27.60
CA ALA B 28 -26.49 -25.79 28.49
C ALA B 28 -25.62 -24.84 27.68
N THR B 29 -25.38 -23.67 28.25
CA THR B 29 -24.52 -22.67 27.62
C THR B 29 -23.06 -22.96 27.91
N LEU B 30 -22.18 -22.46 27.04
CA LEU B 30 -20.76 -22.77 27.15
C LEU B 30 -20.09 -22.04 28.31
N SER B 31 -20.57 -20.84 28.65
CA SER B 31 -19.94 -20.07 29.73
C SER B 31 -20.07 -20.80 31.07
N GLN B 32 -21.23 -21.39 31.33
CA GLN B 32 -21.45 -22.09 32.60
C GLN B 32 -20.59 -23.35 32.73
N ILE B 33 -20.21 -23.98 31.63
CA ILE B 33 -19.42 -25.21 31.67
C ILE B 33 -17.93 -24.97 31.37
N THR B 34 -17.55 -23.76 31.02
CA THR B 34 -16.15 -23.42 30.79
C THR B 34 -15.52 -22.62 31.92
N ASN B 35 -16.26 -22.38 33.00
CA ASN B 35 -15.78 -21.54 34.10
C ASN B 35 -14.84 -22.26 35.06
N ASN B 36 -14.35 -23.46 34.76
CA ASN B 36 -13.48 -24.18 35.67
C ASN B 36 -12.12 -24.54 35.08
N ILE B 37 -11.88 -24.23 33.81
CA ILE B 37 -10.60 -24.58 33.19
C ILE B 37 -9.57 -23.50 33.48
N ASP B 38 -8.30 -23.90 33.44
CA ASP B 38 -7.21 -22.97 33.72
C ASP B 38 -6.98 -22.04 32.53
N PRO B 39 -6.98 -20.73 32.74
CA PRO B 39 -6.78 -19.81 31.61
C PRO B 39 -5.42 -19.99 30.96
N VAL B 40 -5.37 -19.71 29.65
CA VAL B 40 -4.14 -19.86 28.89
C VAL B 40 -3.08 -18.90 29.41
N GLY B 41 -3.45 -17.65 29.64
CA GLY B 41 -2.50 -16.65 30.08
C GLY B 41 -2.24 -15.62 29.01
N ARG B 42 -0.99 -15.16 28.91
CA ARG B 42 -0.59 -14.19 27.90
C ARG B 42 0.39 -14.86 26.95
N ILE B 43 0.14 -14.73 25.65
CA ILE B 43 0.98 -15.32 24.62
C ILE B 43 1.74 -14.19 23.94
N GLN B 44 3.07 -14.27 23.99
CA GLN B 44 3.94 -13.30 23.33
C GLN B 44 4.67 -14.00 22.20
N MET B 45 4.51 -13.48 20.99
CA MET B 45 5.17 -14.01 19.80
C MET B 45 6.01 -12.92 19.15
N ARG B 46 7.19 -13.29 18.69
CA ARG B 46 8.12 -12.35 18.09
C ARG B 46 8.45 -12.80 16.66
N THR B 47 8.64 -11.83 15.79
CA THR B 47 8.99 -12.12 14.41
C THR B 47 10.38 -12.72 14.33
N ARG B 48 10.53 -13.75 13.50
CA ARG B 48 11.81 -14.40 13.27
C ARG B 48 12.38 -14.07 11.91
N ARG B 49 11.58 -14.18 10.84
CA ARG B 49 12.05 -13.91 9.50
C ARG B 49 11.03 -13.07 8.73
N THR B 50 11.55 -12.13 7.95
CA THR B 50 10.77 -11.27 7.06
C THR B 50 11.22 -11.55 5.64
N LEU B 51 10.28 -11.92 4.78
CA LEU B 51 10.59 -12.30 3.40
C LEU B 51 10.19 -11.16 2.49
N ARG B 52 11.15 -10.64 1.72
CA ARG B 52 10.94 -9.55 0.79
C ARG B 52 11.16 -10.01 -0.65
N GLY B 53 10.61 -9.25 -1.58
CA GLY B 53 10.77 -9.55 -2.98
C GLY B 53 9.55 -9.26 -3.83
N HIS B 54 8.39 -9.15 -3.20
CA HIS B 54 7.17 -8.84 -3.93
C HIS B 54 7.09 -7.36 -4.24
N LEU B 55 6.29 -7.03 -5.25
CA LEU B 55 6.14 -5.66 -5.73
C LEU B 55 4.84 -5.00 -5.27
N ALA B 56 3.73 -5.72 -5.34
CA ALA B 56 2.42 -5.18 -5.03
C ALA B 56 1.83 -5.93 -3.84
N LYS B 57 0.55 -5.66 -3.55
CA LYS B 57 -0.13 -6.28 -2.42
C LYS B 57 -0.20 -7.80 -2.60
N ILE B 58 -0.22 -8.50 -1.48
CA ILE B 58 -0.16 -9.96 -1.44
C ILE B 58 -1.52 -10.48 -1.03
N TYR B 59 -2.05 -11.44 -1.78
CA TYR B 59 -3.44 -11.85 -1.63
C TYR B 59 -3.66 -13.29 -1.20
N ALA B 60 -2.63 -14.13 -1.18
CA ALA B 60 -2.83 -15.52 -0.77
C ALA B 60 -1.52 -16.12 -0.30
N MET B 61 -1.64 -17.19 0.49
CA MET B 61 -0.48 -17.93 0.99
C MET B 61 -0.92 -19.29 1.51
N HIS B 62 -0.24 -20.35 1.09
CA HIS B 62 -0.52 -21.70 1.55
C HIS B 62 0.78 -22.39 1.91
N TRP B 63 0.76 -23.13 3.01
CA TRP B 63 1.94 -23.89 3.45
C TRP B 63 1.99 -25.22 2.70
N GLY B 64 2.88 -26.10 3.13
CA GLY B 64 3.00 -27.42 2.56
C GLY B 64 2.79 -28.50 3.60
N THR B 65 2.76 -29.75 3.13
CA THR B 65 2.55 -30.87 4.04
C THR B 65 3.76 -31.10 4.95
N ASP B 66 4.95 -30.74 4.50
CA ASP B 66 6.18 -30.96 5.26
C ASP B 66 6.58 -29.75 6.11
N SER B 67 5.78 -28.68 6.11
CA SER B 67 6.08 -27.46 6.86
C SER B 67 7.47 -26.91 6.49
N ARG B 68 7.79 -26.97 5.20
CA ARG B 68 9.10 -26.54 4.71
C ARG B 68 9.02 -25.40 3.70
N LEU B 69 8.07 -25.45 2.77
CA LEU B 69 7.97 -24.47 1.71
C LEU B 69 6.60 -23.79 1.75
N LEU B 70 6.53 -22.60 1.15
CA LEU B 70 5.27 -21.88 1.05
C LEU B 70 5.23 -21.13 -0.28
N VAL B 71 4.02 -20.76 -0.68
CA VAL B 71 3.77 -20.12 -1.97
C VAL B 71 3.00 -18.83 -1.74
N SER B 72 3.39 -17.77 -2.45
CA SER B 72 2.78 -16.46 -2.29
C SER B 72 2.43 -15.88 -3.65
N ALA B 73 1.29 -15.17 -3.70
CA ALA B 73 0.80 -14.52 -4.89
C ALA B 73 0.49 -13.06 -4.61
N SER B 74 0.84 -12.20 -5.57
CA SER B 74 0.67 -10.76 -5.45
C SER B 74 0.03 -10.22 -6.72
N GLN B 75 -0.37 -8.95 -6.65
CA GLN B 75 -1.03 -8.29 -7.78
C GLN B 75 -0.10 -8.04 -8.94
N ASP B 76 1.22 -8.17 -8.75
CA ASP B 76 2.14 -8.02 -9.87
C ASP B 76 2.01 -9.14 -10.89
N GLY B 77 1.31 -10.22 -10.56
CA GLY B 77 1.12 -11.32 -11.48
C GLY B 77 2.27 -12.30 -11.47
N LYS B 78 2.63 -12.80 -10.29
CA LYS B 78 3.76 -13.71 -10.17
C LYS B 78 3.61 -14.53 -8.90
N LEU B 79 3.96 -15.81 -8.98
CA LEU B 79 3.93 -16.72 -7.84
C LEU B 79 5.36 -16.96 -7.38
N ILE B 80 5.59 -16.88 -6.08
CA ILE B 80 6.92 -17.08 -5.50
C ILE B 80 6.86 -18.27 -4.56
N ILE B 81 7.81 -19.19 -4.71
CA ILE B 81 7.92 -20.34 -3.83
C ILE B 81 9.16 -20.14 -2.95
N TRP B 82 8.94 -20.01 -1.66
CA TRP B 82 10.02 -19.71 -0.72
C TRP B 82 10.50 -20.97 -0.01
N ASP B 83 11.51 -20.79 0.83
CA ASP B 83 11.96 -21.81 1.78
C ASP B 83 12.13 -21.10 3.12
N SER B 84 11.24 -21.39 4.06
CA SER B 84 11.17 -20.62 5.30
C SER B 84 12.37 -20.84 6.20
N TYR B 85 13.19 -21.86 5.95
CA TYR B 85 14.33 -22.11 6.82
C TYR B 85 15.45 -21.11 6.58
N THR B 86 15.74 -20.80 5.32
CA THR B 86 16.90 -19.99 4.96
C THR B 86 16.57 -18.76 4.13
N THR B 87 15.28 -18.45 3.97
CA THR B 87 14.83 -17.26 3.22
C THR B 87 15.41 -17.25 1.80
N ASN B 88 15.26 -18.38 1.12
CA ASN B 88 15.65 -18.53 -0.27
C ASN B 88 14.42 -18.52 -1.17
N LYS B 89 14.66 -18.47 -2.47
CA LYS B 89 13.60 -18.51 -3.48
C LYS B 89 13.86 -19.69 -4.40
N VAL B 90 13.03 -20.73 -4.30
CA VAL B 90 13.21 -21.90 -5.15
C VAL B 90 12.72 -21.63 -6.56
N HIS B 91 11.54 -21.01 -6.70
CA HIS B 91 10.94 -20.80 -8.01
C HIS B 91 10.17 -19.50 -8.03
N ALA B 92 10.10 -18.89 -9.22
CA ALA B 92 9.31 -17.69 -9.45
C ALA B 92 8.61 -17.87 -10.80
N ILE B 93 7.30 -18.11 -10.74
CA ILE B 93 6.51 -18.45 -11.92
C ILE B 93 5.75 -17.20 -12.37
N PRO B 94 5.97 -16.71 -13.58
CA PRO B 94 5.14 -15.62 -14.10
C PRO B 94 3.76 -16.12 -14.48
N LEU B 95 2.83 -15.19 -14.58
CA LEU B 95 1.43 -15.50 -14.84
C LEU B 95 0.97 -14.82 -16.12
N ARG B 96 -0.23 -15.19 -16.56
CA ARG B 96 -0.86 -14.61 -17.74
C ARG B 96 -1.82 -13.48 -17.41
N SER B 97 -2.34 -13.45 -16.19
CA SER B 97 -3.25 -12.40 -15.74
C SER B 97 -2.69 -11.76 -14.49
N SER B 98 -2.74 -10.43 -14.43
CA SER B 98 -2.22 -9.70 -13.28
C SER B 98 -3.11 -9.80 -12.06
N TRP B 99 -4.31 -10.37 -12.19
CA TRP B 99 -5.28 -10.43 -11.09
C TRP B 99 -5.39 -11.87 -10.61
N VAL B 100 -4.93 -12.12 -9.38
CA VAL B 100 -4.95 -13.45 -8.79
C VAL B 100 -5.38 -13.32 -7.34
N MET B 101 -6.21 -14.27 -6.89
CA MET B 101 -6.66 -14.27 -5.49
C MET B 101 -6.62 -15.64 -4.84
N THR B 102 -6.11 -16.67 -5.51
CA THR B 102 -6.13 -18.02 -4.97
C THR B 102 -4.75 -18.65 -5.11
N CYS B 103 -4.43 -19.53 -4.15
CA CYS B 103 -3.26 -20.38 -4.22
C CYS B 103 -3.57 -21.73 -3.58
N ALA B 104 -2.82 -22.74 -3.97
CA ALA B 104 -2.97 -24.07 -3.40
C ALA B 104 -1.69 -24.86 -3.62
N TYR B 105 -1.37 -25.72 -2.65
CA TYR B 105 -0.19 -26.57 -2.72
C TYR B 105 -0.64 -28.01 -2.58
N ALA B 106 -0.32 -28.84 -3.57
CA ALA B 106 -0.76 -30.22 -3.55
C ALA B 106 -0.13 -30.96 -2.38
N PRO B 107 -0.86 -31.84 -1.71
CA PRO B 107 -0.28 -32.56 -0.57
C PRO B 107 0.95 -33.37 -0.94
N SER B 108 1.00 -33.92 -2.16
CA SER B 108 2.16 -34.67 -2.59
C SER B 108 3.36 -33.79 -2.91
N GLY B 109 3.15 -32.50 -3.12
CA GLY B 109 4.25 -31.58 -3.32
C GLY B 109 4.74 -31.46 -4.75
N ASN B 110 3.94 -31.85 -5.75
CA ASN B 110 4.35 -31.76 -7.14
C ASN B 110 3.57 -30.74 -7.95
N TYR B 111 2.49 -30.17 -7.41
CA TYR B 111 1.62 -29.29 -8.18
C TYR B 111 1.34 -28.02 -7.40
N VAL B 112 1.05 -26.95 -8.14
CA VAL B 112 0.58 -25.70 -7.56
C VAL B 112 -0.59 -25.23 -8.41
N ALA B 113 -1.45 -24.41 -7.82
CA ALA B 113 -2.67 -23.95 -8.49
C ALA B 113 -2.84 -22.46 -8.30
N CYS B 114 -3.56 -21.83 -9.22
CA CYS B 114 -3.79 -20.39 -9.16
C CYS B 114 -5.09 -20.05 -9.85
N GLY B 115 -5.63 -18.88 -9.51
CA GLY B 115 -6.86 -18.41 -10.10
C GLY B 115 -7.12 -16.97 -9.73
N GLY B 116 -7.99 -16.33 -10.49
CA GLY B 116 -8.27 -14.92 -10.26
C GLY B 116 -9.47 -14.37 -11.00
N LEU B 117 -9.32 -13.15 -11.53
CA LEU B 117 -10.40 -12.44 -12.19
C LEU B 117 -10.58 -12.85 -13.65
N ASP B 118 -9.75 -13.75 -14.17
CA ASP B 118 -9.85 -14.22 -15.54
C ASP B 118 -10.78 -15.41 -15.71
N ASN B 119 -11.46 -15.83 -14.65
CA ASN B 119 -12.46 -16.89 -14.67
C ASN B 119 -11.89 -18.26 -15.03
N ILE B 120 -10.59 -18.44 -14.88
CA ILE B 120 -9.92 -19.67 -15.28
C ILE B 120 -8.98 -20.10 -14.16
N CYS B 121 -9.01 -21.39 -13.82
CA CYS B 121 -8.12 -21.96 -12.82
C CYS B 121 -6.95 -22.66 -13.53
N SER B 122 -5.74 -22.27 -13.17
CA SER B 122 -4.53 -22.76 -13.83
C SER B 122 -3.77 -23.70 -12.89
N ILE B 123 -3.29 -24.81 -13.45
CA ILE B 123 -2.52 -25.80 -12.71
C ILE B 123 -1.11 -25.83 -13.27
N TYR B 124 -0.12 -25.68 -12.39
CA TYR B 124 1.29 -25.69 -12.77
C TYR B 124 1.97 -26.91 -12.15
N ASN B 125 2.83 -27.54 -12.95
CA ASN B 125 3.56 -28.73 -12.55
C ASN B 125 4.97 -28.30 -12.17
N LEU B 126 5.42 -28.72 -10.99
CA LEU B 126 6.71 -28.29 -10.44
C LEU B 126 7.83 -29.27 -10.78
N LYS B 127 7.69 -30.53 -10.36
CA LYS B 127 8.73 -31.54 -10.58
C LYS B 127 8.67 -31.99 -12.04
N THR B 128 9.30 -31.21 -12.90
CA THR B 128 9.35 -31.50 -14.32
C THR B 128 10.68 -32.15 -14.69
N ARG B 129 10.87 -32.41 -15.98
CA ARG B 129 12.08 -33.02 -16.50
C ARG B 129 12.99 -32.04 -17.22
N GLU B 130 12.43 -31.01 -17.86
CA GLU B 130 13.23 -30.04 -18.61
C GLU B 130 13.75 -28.90 -17.75
N GLY B 131 13.34 -28.81 -16.48
CA GLY B 131 13.82 -27.78 -15.59
C GLY B 131 13.04 -26.49 -15.60
N ASN B 132 12.04 -26.35 -16.47
CA ASN B 132 11.20 -25.16 -16.53
C ASN B 132 9.78 -25.51 -16.11
N VAL B 133 9.17 -24.61 -15.34
CA VAL B 133 7.82 -24.82 -14.85
C VAL B 133 6.84 -24.54 -15.99
N ARG B 134 6.07 -25.55 -16.38
CA ARG B 134 5.15 -25.45 -17.50
C ARG B 134 3.72 -25.67 -17.02
N VAL B 135 2.80 -24.91 -17.61
CA VAL B 135 1.39 -25.02 -17.25
C VAL B 135 0.82 -26.31 -17.81
N SER B 136 0.11 -27.06 -16.96
CA SER B 136 -0.43 -28.35 -17.36
C SER B 136 -1.86 -28.23 -17.88
N ARG B 137 -2.77 -27.71 -17.07
CA ARG B 137 -4.18 -27.63 -17.46
C ARG B 137 -4.77 -26.28 -17.05
N GLU B 138 -5.79 -25.88 -17.81
CA GLU B 138 -6.57 -24.70 -17.52
C GLU B 138 -8.05 -25.07 -17.53
N LEU B 139 -8.77 -24.65 -16.50
CA LEU B 139 -10.20 -24.95 -16.36
C LEU B 139 -10.98 -23.65 -16.51
N ALA B 140 -11.94 -23.66 -17.43
CA ALA B 140 -12.65 -22.44 -17.84
C ALA B 140 -14.15 -22.67 -17.90
N GLY B 141 -14.70 -23.27 -16.85
CA GLY B 141 -16.13 -23.57 -16.85
C GLY B 141 -16.98 -22.59 -16.06
N HIS B 142 -16.37 -21.85 -15.15
CA HIS B 142 -17.14 -20.93 -14.32
C HIS B 142 -17.47 -19.66 -15.08
N THR B 143 -18.46 -18.92 -14.57
CA THR B 143 -18.85 -17.64 -15.14
C THR B 143 -18.56 -16.45 -14.24
N GLY B 144 -18.06 -16.69 -13.02
CA GLY B 144 -17.70 -15.64 -12.10
C GLY B 144 -16.25 -15.77 -11.65
N TYR B 145 -15.78 -14.72 -10.97
CA TYR B 145 -14.40 -14.70 -10.50
C TYR B 145 -14.19 -15.72 -9.38
N LEU B 146 -13.09 -16.45 -9.47
CA LEU B 146 -12.78 -17.46 -8.47
C LEU B 146 -12.33 -16.82 -7.16
N SER B 147 -12.64 -17.49 -6.05
CA SER B 147 -12.31 -16.98 -4.73
C SER B 147 -11.32 -17.85 -3.98
N CYS B 148 -11.45 -19.17 -4.06
CA CYS B 148 -10.52 -20.07 -3.39
C CYS B 148 -10.62 -21.45 -4.00
N CYS B 149 -9.47 -22.09 -4.20
CA CYS B 149 -9.40 -23.46 -4.71
C CYS B 149 -8.46 -24.27 -3.84
N ARG B 150 -8.90 -25.48 -3.47
CA ARG B 150 -8.13 -26.35 -2.60
C ARG B 150 -8.08 -27.75 -3.19
N PHE B 151 -6.92 -28.39 -3.08
CA PHE B 151 -6.73 -29.74 -3.59
C PHE B 151 -7.32 -30.77 -2.65
N LEU B 152 -7.69 -31.92 -3.22
CA LEU B 152 -8.10 -33.09 -2.45
C LEU B 152 -7.07 -34.20 -2.58
N ASP B 153 -6.65 -34.51 -3.80
CA ASP B 153 -5.57 -35.44 -4.07
C ASP B 153 -4.86 -34.96 -5.33
N ASP B 154 -4.03 -35.82 -5.92
CA ASP B 154 -3.26 -35.41 -7.08
C ASP B 154 -4.11 -35.24 -8.34
N ASN B 155 -5.38 -35.65 -8.32
CA ASN B 155 -6.20 -35.64 -9.52
C ASN B 155 -7.59 -35.04 -9.32
N GLN B 156 -7.87 -34.43 -8.18
CA GLN B 156 -9.17 -33.82 -7.93
C GLN B 156 -8.99 -32.45 -7.31
N ILE B 157 -9.90 -31.54 -7.61
CA ILE B 157 -9.81 -30.18 -7.10
C ILE B 157 -11.24 -29.65 -6.93
N VAL B 158 -11.40 -28.70 -6.00
CA VAL B 158 -12.69 -28.08 -5.72
C VAL B 158 -12.51 -26.57 -5.80
N THR B 159 -13.45 -25.89 -6.49
CA THR B 159 -13.34 -24.47 -6.72
C THR B 159 -14.65 -23.78 -6.35
N SER B 160 -14.53 -22.51 -5.94
CA SER B 160 -15.67 -21.65 -5.63
C SER B 160 -15.49 -20.33 -6.36
N SER B 161 -16.58 -19.81 -6.92
CA SER B 161 -16.53 -18.60 -7.72
C SER B 161 -17.71 -17.69 -7.35
N GLY B 162 -17.77 -16.55 -8.04
CA GLY B 162 -18.83 -15.58 -7.84
C GLY B 162 -20.11 -15.87 -8.58
N ASP B 163 -20.18 -16.97 -9.31
CA ASP B 163 -21.39 -17.40 -9.99
C ASP B 163 -22.39 -18.10 -9.08
N THR B 164 -22.22 -17.96 -7.77
CA THR B 164 -23.11 -18.52 -6.74
C THR B 164 -23.15 -20.04 -6.77
N THR B 165 -22.14 -20.68 -7.36
CA THR B 165 -22.05 -22.14 -7.36
C THR B 165 -20.61 -22.55 -7.07
N CYS B 166 -20.46 -23.75 -6.54
CA CYS B 166 -19.15 -24.37 -6.34
C CYS B 166 -19.06 -25.60 -7.23
N ALA B 167 -17.85 -26.01 -7.59
CA ALA B 167 -17.68 -27.08 -8.55
C ALA B 167 -16.54 -28.00 -8.14
N LEU B 168 -16.63 -29.25 -8.61
CA LEU B 168 -15.57 -30.23 -8.45
C LEU B 168 -15.01 -30.58 -9.82
N TRP B 169 -13.69 -30.51 -9.96
CA TRP B 169 -13.02 -30.75 -11.24
C TRP B 169 -12.06 -31.93 -11.14
N ASP B 170 -12.07 -32.74 -12.19
CA ASP B 170 -11.10 -33.80 -12.41
C ASP B 170 -10.11 -33.32 -13.45
N ILE B 171 -8.81 -33.38 -13.11
CA ILE B 171 -7.80 -32.71 -13.91
C ILE B 171 -7.62 -33.39 -15.26
N GLU B 172 -7.56 -34.73 -15.27
CA GLU B 172 -7.20 -35.43 -16.50
C GLU B 172 -8.23 -35.22 -17.60
N THR B 173 -9.52 -35.42 -17.30
CA THR B 173 -10.54 -35.28 -18.32
C THR B 173 -10.80 -33.83 -18.68
N GLY B 174 -10.68 -32.91 -17.73
CA GLY B 174 -10.89 -31.51 -17.98
C GLY B 174 -12.33 -31.04 -17.81
N GLN B 175 -13.26 -31.93 -17.51
CA GLN B 175 -14.66 -31.59 -17.34
C GLN B 175 -15.08 -31.81 -15.89
N GLN B 176 -15.85 -30.86 -15.36
CA GLN B 176 -16.32 -30.96 -13.98
C GLN B 176 -17.32 -32.10 -13.85
N THR B 177 -17.39 -32.66 -12.64
CA THR B 177 -18.25 -33.80 -12.36
C THR B 177 -19.49 -33.44 -11.57
N THR B 178 -19.38 -32.53 -10.59
CA THR B 178 -20.52 -32.19 -9.75
C THR B 178 -20.45 -30.73 -9.36
N THR B 179 -21.58 -30.04 -9.46
CA THR B 179 -21.71 -28.65 -9.07
C THR B 179 -22.78 -28.50 -8.00
N PHE B 180 -22.52 -27.59 -7.06
CA PHE B 180 -23.42 -27.28 -5.96
C PHE B 180 -23.93 -25.86 -6.16
N THR B 181 -25.25 -25.70 -6.17
CA THR B 181 -25.89 -24.45 -6.58
C THR B 181 -27.00 -24.06 -5.61
N GLY B 182 -26.81 -24.32 -4.33
CA GLY B 182 -27.82 -23.99 -3.34
C GLY B 182 -27.76 -22.57 -2.84
N HIS B 183 -26.68 -21.86 -3.12
CA HIS B 183 -26.47 -20.54 -2.57
C HIS B 183 -27.21 -19.48 -3.39
N THR B 184 -27.34 -18.29 -2.79
CA THR B 184 -28.00 -17.16 -3.44
C THR B 184 -27.08 -15.97 -3.65
N GLY B 185 -25.81 -16.06 -3.26
CA GLY B 185 -24.88 -14.97 -3.43
C GLY B 185 -23.47 -15.41 -3.70
N ASP B 186 -22.51 -14.52 -3.47
CA ASP B 186 -21.11 -14.80 -3.78
C ASP B 186 -20.51 -15.69 -2.70
N VAL B 187 -20.05 -16.88 -3.10
CA VAL B 187 -19.33 -17.77 -2.21
C VAL B 187 -17.87 -17.35 -2.20
N MET B 188 -17.31 -17.11 -1.01
CA MET B 188 -15.96 -16.56 -0.98
C MET B 188 -15.07 -17.20 0.10
N SER B 189 -15.34 -18.44 0.46
CA SER B 189 -14.48 -19.17 1.39
C SER B 189 -14.89 -20.64 1.38
N LEU B 190 -13.91 -21.52 1.60
CA LEU B 190 -14.19 -22.92 1.81
C LEU B 190 -13.00 -23.58 2.49
N SER B 191 -13.30 -24.58 3.31
CA SER B 191 -12.29 -25.36 4.02
C SER B 191 -12.68 -26.83 3.95
N LEU B 192 -11.67 -27.69 4.07
CA LEU B 192 -11.84 -29.12 3.88
C LEU B 192 -11.72 -29.86 5.20
N ALA B 193 -12.49 -30.93 5.34
CA ALA B 193 -12.38 -31.78 6.51
C ALA B 193 -11.08 -32.57 6.48
N PRO B 194 -10.50 -32.87 7.65
CA PRO B 194 -9.25 -33.64 7.66
C PRO B 194 -9.36 -35.00 7.01
N ASP B 195 -10.51 -35.67 7.12
CA ASP B 195 -10.69 -36.98 6.50
C ASP B 195 -11.08 -36.89 5.03
N THR B 196 -11.22 -35.68 4.49
CA THR B 196 -11.57 -35.44 3.09
C THR B 196 -12.88 -36.16 2.74
N ARG B 197 -13.93 -35.81 3.48
CA ARG B 197 -15.23 -36.41 3.26
C ARG B 197 -16.36 -35.39 3.10
N LEU B 198 -16.34 -34.30 3.86
CA LEU B 198 -17.26 -33.18 3.71
C LEU B 198 -16.46 -31.89 3.54
N PHE B 199 -17.14 -30.83 3.16
CA PHE B 199 -16.51 -29.51 3.14
C PHE B 199 -17.57 -28.43 3.29
N VAL B 200 -17.15 -27.29 3.85
CA VAL B 200 -18.04 -26.20 4.19
C VAL B 200 -17.78 -25.02 3.26
N SER B 201 -18.80 -24.18 3.10
CA SER B 201 -18.74 -23.01 2.23
C SER B 201 -19.43 -21.83 2.90
N GLY B 202 -18.86 -20.64 2.71
CA GLY B 202 -19.41 -19.42 3.26
C GLY B 202 -19.72 -18.41 2.19
N ALA B 203 -20.93 -17.83 2.22
CA ALA B 203 -21.41 -17.04 1.11
C ALA B 203 -21.52 -15.56 1.49
N CYS B 204 -22.00 -14.77 0.54
CA CYS B 204 -22.27 -13.36 0.72
C CYS B 204 -23.63 -13.10 1.33
N ASP B 205 -24.36 -14.16 1.69
CA ASP B 205 -25.70 -14.06 2.23
C ASP B 205 -25.74 -14.22 3.75
N ALA B 206 -24.61 -13.99 4.43
CA ALA B 206 -24.50 -14.20 5.87
C ALA B 206 -24.90 -15.63 6.24
N SER B 207 -24.40 -16.59 5.47
CA SER B 207 -24.79 -17.98 5.66
C SER B 207 -23.62 -18.90 5.30
N ALA B 208 -23.68 -20.10 5.87
CA ALA B 208 -22.71 -21.14 5.59
C ALA B 208 -23.44 -22.46 5.39
N LYS B 209 -22.90 -23.31 4.53
CA LYS B 209 -23.51 -24.60 4.23
C LYS B 209 -22.45 -25.69 4.19
N LEU B 210 -22.86 -26.90 4.57
CA LEU B 210 -21.99 -28.07 4.55
C LEU B 210 -22.44 -29.02 3.46
N TRP B 211 -21.52 -29.40 2.58
CA TRP B 211 -21.84 -30.22 1.43
C TRP B 211 -21.20 -31.60 1.56
N ASP B 212 -21.76 -32.57 0.85
CA ASP B 212 -21.22 -33.91 0.74
C ASP B 212 -20.62 -34.11 -0.64
N VAL B 213 -19.46 -34.76 -0.70
CA VAL B 213 -18.70 -34.81 -1.94
C VAL B 213 -19.41 -35.67 -2.99
N ARG B 214 -19.57 -36.96 -2.71
CA ARG B 214 -20.24 -37.83 -3.68
C ARG B 214 -21.74 -37.61 -3.75
N GLU B 215 -22.38 -37.31 -2.62
CA GLU B 215 -23.83 -37.12 -2.63
C GLU B 215 -24.22 -35.93 -3.50
N GLY B 216 -23.46 -34.84 -3.43
CA GLY B 216 -23.75 -33.66 -4.21
C GLY B 216 -24.90 -32.82 -3.71
N MET B 217 -25.37 -33.06 -2.50
CA MET B 217 -26.50 -32.34 -1.93
C MET B 217 -26.08 -31.62 -0.66
N CYS B 218 -26.63 -30.43 -0.46
CA CYS B 218 -26.43 -29.71 0.80
C CYS B 218 -27.10 -30.47 1.92
N ARG B 219 -26.36 -30.74 2.99
CA ARG B 219 -26.86 -31.56 4.07
C ARG B 219 -27.20 -30.79 5.33
N GLN B 220 -26.69 -29.58 5.50
CA GLN B 220 -26.94 -28.84 6.72
C GLN B 220 -26.50 -27.39 6.53
N THR B 221 -27.33 -26.47 7.00
CA THR B 221 -27.09 -25.04 6.82
C THR B 221 -27.03 -24.33 8.17
N PHE B 222 -26.30 -23.23 8.20
CA PHE B 222 -26.17 -22.41 9.41
C PHE B 222 -26.22 -20.94 9.04
N THR B 223 -26.86 -20.17 9.91
CA THR B 223 -26.98 -18.73 9.75
C THR B 223 -26.89 -18.09 11.12
N GLY B 224 -26.94 -16.76 11.14
CA GLY B 224 -26.85 -16.03 12.39
C GLY B 224 -26.07 -14.74 12.27
N HIS B 225 -25.30 -14.60 11.20
CA HIS B 225 -24.55 -13.38 10.97
C HIS B 225 -25.45 -12.29 10.41
N GLU B 226 -24.96 -11.06 10.45
CA GLU B 226 -25.71 -9.90 9.99
C GLU B 226 -25.09 -9.23 8.77
N SER B 227 -23.94 -9.71 8.30
CA SER B 227 -23.23 -9.07 7.20
C SER B 227 -22.49 -10.15 6.42
N ASP B 228 -21.53 -9.72 5.59
CA ASP B 228 -20.80 -10.63 4.74
C ASP B 228 -19.94 -11.59 5.56
N ILE B 229 -19.63 -12.75 4.97
CA ILE B 229 -18.75 -13.75 5.56
C ILE B 229 -17.50 -13.83 4.71
N ASN B 230 -16.33 -13.72 5.35
CA ASN B 230 -15.08 -13.58 4.61
C ASN B 230 -14.16 -14.78 4.69
N ALA B 231 -14.15 -15.51 5.80
CA ALA B 231 -13.26 -16.66 5.94
C ALA B 231 -13.93 -17.74 6.76
N ILE B 232 -13.43 -18.96 6.62
CA ILE B 232 -13.96 -20.11 7.35
C ILE B 232 -12.84 -21.14 7.46
N CYS B 233 -12.88 -21.93 8.53
CA CYS B 233 -11.84 -22.92 8.79
C CYS B 233 -12.44 -24.10 9.55
N PHE B 234 -11.77 -25.24 9.46
CA PHE B 234 -12.23 -26.47 10.09
C PHE B 234 -11.48 -26.76 11.38
N PHE B 235 -12.21 -27.20 12.40
CA PHE B 235 -11.60 -27.67 13.63
C PHE B 235 -10.84 -28.96 13.35
N PRO B 236 -9.72 -29.19 14.06
CA PRO B 236 -8.91 -30.39 13.78
C PRO B 236 -9.65 -31.69 13.95
N ASN B 237 -10.61 -31.77 14.88
CA ASN B 237 -11.34 -33.02 15.08
C ASN B 237 -12.34 -33.29 13.97
N GLY B 238 -12.67 -32.31 13.15
CA GLY B 238 -13.63 -32.49 12.08
C GLY B 238 -15.08 -32.41 12.51
N ASN B 239 -15.38 -31.73 13.62
CA ASN B 239 -16.73 -31.67 14.15
C ASN B 239 -17.17 -30.25 14.48
N ALA B 240 -16.41 -29.24 14.05
CA ALA B 240 -16.77 -27.86 14.33
C ALA B 240 -16.07 -26.97 13.31
N PHE B 241 -16.55 -25.73 13.21
CA PHE B 241 -15.92 -24.77 12.31
C PHE B 241 -16.22 -23.34 12.77
N ALA B 242 -15.25 -22.45 12.57
CA ALA B 242 -15.38 -21.07 13.00
C ALA B 242 -15.39 -20.16 11.77
N THR B 243 -16.19 -19.10 11.86
CA THR B 243 -16.41 -18.22 10.72
C THR B 243 -16.24 -16.76 11.13
N GLY B 244 -15.75 -15.97 10.20
CA GLY B 244 -15.49 -14.55 10.42
C GLY B 244 -16.28 -13.70 9.44
N SER B 245 -16.77 -12.55 9.93
CA SER B 245 -17.68 -11.71 9.17
C SER B 245 -17.18 -10.27 9.20
N ASP B 246 -17.90 -9.40 8.48
CA ASP B 246 -17.63 -7.97 8.48
C ASP B 246 -18.28 -7.25 9.65
N ASP B 247 -19.06 -7.95 10.47
CA ASP B 247 -19.63 -7.38 11.68
C ASP B 247 -18.64 -7.33 12.83
N ALA B 248 -17.35 -7.58 12.56
CA ALA B 248 -16.30 -7.58 13.57
C ALA B 248 -16.53 -8.65 14.64
N THR B 249 -17.12 -9.78 14.26
CA THR B 249 -17.36 -10.88 15.18
C THR B 249 -16.87 -12.18 14.56
N CYS B 250 -16.48 -13.12 15.42
CA CYS B 250 -16.19 -14.49 15.02
C CYS B 250 -17.20 -15.40 15.71
N ARG B 251 -17.66 -16.41 15.00
CA ARG B 251 -18.70 -17.30 15.52
C ARG B 251 -18.32 -18.75 15.31
N LEU B 252 -18.49 -19.56 16.35
CA LEU B 252 -18.11 -20.96 16.32
C LEU B 252 -19.36 -21.83 16.23
N PHE B 253 -19.35 -22.78 15.29
CA PHE B 253 -20.48 -23.64 15.04
C PHE B 253 -20.08 -25.10 15.21
N ASP B 254 -21.01 -25.89 15.75
CA ASP B 254 -20.86 -27.34 15.82
C ASP B 254 -21.85 -27.98 14.85
N LEU B 255 -21.41 -29.07 14.23
CA LEU B 255 -22.21 -29.72 13.20
C LEU B 255 -23.24 -30.68 13.78
N ARG B 256 -22.92 -31.34 14.89
CA ARG B 256 -23.83 -32.29 15.51
C ARG B 256 -24.97 -31.62 16.25
N ALA B 257 -24.84 -30.34 16.58
CA ALA B 257 -25.87 -29.63 17.34
C ALA B 257 -26.68 -28.67 16.49
N ASP B 258 -26.20 -28.32 15.29
CA ASP B 258 -26.90 -27.42 14.38
C ASP B 258 -27.21 -26.09 15.05
N GLN B 259 -26.25 -25.61 15.85
CA GLN B 259 -26.48 -24.40 16.63
C GLN B 259 -25.16 -23.71 16.90
N GLU B 260 -25.26 -22.42 17.21
CA GLU B 260 -24.12 -21.65 17.66
C GLU B 260 -23.63 -22.13 19.02
N LEU B 261 -22.33 -22.04 19.25
CA LEU B 261 -21.74 -22.39 20.53
C LEU B 261 -21.03 -21.23 21.20
N MET B 262 -20.22 -20.46 20.47
CA MET B 262 -19.48 -19.35 21.05
C MET B 262 -19.41 -18.18 20.07
N THR B 263 -19.32 -16.98 20.63
CA THR B 263 -19.14 -15.76 19.86
C THR B 263 -18.01 -14.95 20.47
N TYR B 264 -17.03 -14.60 19.64
CA TYR B 264 -15.89 -13.78 20.05
C TYR B 264 -16.04 -12.40 19.43
N SER B 265 -16.12 -11.37 20.27
CA SER B 265 -16.27 -10.00 19.82
C SER B 265 -15.93 -9.07 20.98
N HIS B 266 -15.70 -7.81 20.64
CA HIS B 266 -15.41 -6.79 21.64
C HIS B 266 -15.93 -5.45 21.15
N ASP B 267 -16.18 -4.55 22.10
CA ASP B 267 -16.73 -3.24 21.75
C ASP B 267 -15.68 -2.32 21.15
N ASN B 268 -14.40 -2.60 21.35
CA ASN B 268 -13.33 -1.76 20.84
C ASN B 268 -12.92 -2.10 19.41
N ILE B 269 -13.52 -3.12 18.82
CA ILE B 269 -13.19 -3.55 17.46
C ILE B 269 -14.31 -3.14 16.53
N ILE B 270 -13.96 -2.42 15.47
CA ILE B 270 -14.93 -1.98 14.47
C ILE B 270 -14.63 -2.53 13.09
N CYS B 271 -13.37 -2.81 12.75
CA CYS B 271 -12.97 -3.24 11.42
C CYS B 271 -13.47 -4.66 11.14
N GLY B 272 -13.17 -5.15 9.94
CA GLY B 272 -13.65 -6.44 9.49
C GLY B 272 -12.63 -7.56 9.60
N ILE B 273 -13.14 -8.78 9.54
CA ILE B 273 -12.31 -9.99 9.59
C ILE B 273 -12.01 -10.43 8.17
N THR B 274 -10.75 -10.74 7.90
CA THR B 274 -10.33 -11.15 6.57
C THR B 274 -9.61 -12.51 6.53
N SER B 275 -9.27 -13.09 7.67
CA SER B 275 -8.63 -14.39 7.69
C SER B 275 -8.79 -15.02 9.07
N VAL B 276 -8.99 -16.34 9.09
CA VAL B 276 -9.16 -17.08 10.34
C VAL B 276 -8.38 -18.38 10.23
N SER B 277 -7.81 -18.81 11.36
CA SER B 277 -7.05 -20.05 11.40
C SER B 277 -7.10 -20.63 12.80
N PHE B 278 -6.82 -21.93 12.89
CA PHE B 278 -6.78 -22.66 14.15
C PHE B 278 -5.36 -23.12 14.44
N SER B 279 -5.17 -23.68 15.63
CA SER B 279 -3.91 -24.25 16.04
C SER B 279 -3.99 -25.78 15.99
N LYS B 280 -2.92 -26.44 16.43
CA LYS B 280 -2.88 -27.89 16.36
C LYS B 280 -3.78 -28.53 17.41
N SER B 281 -3.80 -27.97 18.62
CA SER B 281 -4.59 -28.53 19.71
C SER B 281 -6.02 -28.01 19.74
N GLY B 282 -6.36 -27.06 18.88
CA GLY B 282 -7.69 -26.48 18.90
C GLY B 282 -7.95 -25.52 20.04
N ARG B 283 -6.92 -25.18 20.81
CA ARG B 283 -7.07 -24.29 21.95
C ARG B 283 -6.88 -22.82 21.58
N LEU B 284 -6.32 -22.54 20.42
CA LEU B 284 -6.00 -21.18 20.00
C LEU B 284 -6.69 -20.88 18.67
N LEU B 285 -7.25 -19.67 18.57
CA LEU B 285 -7.85 -19.18 17.34
C LEU B 285 -7.12 -17.90 16.92
N LEU B 286 -6.66 -17.85 15.67
CA LEU B 286 -5.96 -16.68 15.17
C LEU B 286 -6.83 -15.98 14.13
N ALA B 287 -6.98 -14.67 14.28
CA ALA B 287 -7.85 -13.92 13.38
C ALA B 287 -7.15 -12.66 12.91
N GLY B 288 -7.06 -12.49 11.59
CA GLY B 288 -6.55 -11.27 11.02
C GLY B 288 -7.66 -10.25 10.83
N TYR B 289 -7.31 -8.97 11.03
CA TYR B 289 -8.29 -7.90 11.03
C TYR B 289 -7.91 -6.85 10.00
N ASP B 290 -8.74 -5.82 9.92
CA ASP B 290 -8.57 -4.74 8.95
C ASP B 290 -7.83 -3.52 9.50
N ASP B 291 -7.52 -3.51 10.79
CA ASP B 291 -6.83 -2.39 11.42
C ASP B 291 -5.34 -2.65 11.60
N PHE B 292 -4.70 -3.34 10.66
CA PHE B 292 -3.26 -3.55 10.55
C PHE B 292 -2.68 -4.50 11.58
N ASN B 293 -3.50 -5.28 12.28
CA ASN B 293 -2.96 -6.21 13.28
C ASN B 293 -3.87 -7.42 13.39
N CYS B 294 -3.29 -8.52 13.88
CA CYS B 294 -4.00 -9.77 14.10
C CYS B 294 -4.33 -9.91 15.58
N ASN B 295 -5.04 -11.00 15.92
CA ASN B 295 -5.45 -11.22 17.30
C ASN B 295 -5.48 -12.72 17.57
N VAL B 296 -5.33 -13.07 18.84
CA VAL B 296 -5.34 -14.44 19.32
C VAL B 296 -6.45 -14.58 20.35
N TRP B 297 -7.28 -15.60 20.20
CA TRP B 297 -8.43 -15.84 21.05
C TRP B 297 -8.37 -17.26 21.63
N ASP B 298 -8.95 -17.42 22.80
CA ASP B 298 -9.06 -18.72 23.45
C ASP B 298 -10.39 -19.33 23.01
N ALA B 299 -10.32 -20.50 22.35
CA ALA B 299 -11.51 -21.07 21.73
C ALA B 299 -12.53 -21.55 22.76
N LEU B 300 -12.11 -21.76 24.00
CA LEU B 300 -13.00 -22.29 25.03
C LEU B 300 -13.31 -21.28 26.13
N LYS B 301 -12.85 -20.04 26.01
CA LYS B 301 -13.11 -19.04 27.04
C LYS B 301 -13.56 -17.68 26.51
N ALA B 302 -13.41 -17.40 25.21
CA ALA B 302 -13.81 -16.13 24.61
C ALA B 302 -13.09 -14.95 25.28
N ASP B 303 -11.76 -15.04 25.31
CA ASP B 303 -10.93 -14.00 25.90
C ASP B 303 -9.71 -13.77 25.02
N ARG B 304 -9.18 -12.55 25.06
CA ARG B 304 -7.98 -12.24 24.31
C ARG B 304 -6.76 -12.89 24.94
N ALA B 305 -5.73 -13.09 24.12
CA ALA B 305 -4.48 -13.65 24.58
C ALA B 305 -3.27 -12.80 24.20
N GLY B 306 -3.29 -12.18 23.03
CA GLY B 306 -2.17 -11.37 22.60
C GLY B 306 -2.46 -10.74 21.26
N VAL B 307 -1.61 -9.77 20.90
CA VAL B 307 -1.75 -9.03 19.65
C VAL B 307 -0.45 -9.17 18.88
N LEU B 308 -0.55 -9.58 17.61
CA LEU B 308 0.61 -9.68 16.73
C LEU B 308 0.70 -8.45 15.83
N ALA B 309 0.93 -7.30 16.48
CA ALA B 309 0.97 -6.02 15.77
C ALA B 309 2.38 -5.80 15.23
N GLY B 310 2.57 -6.09 13.95
CA GLY B 310 3.86 -5.90 13.32
C GLY B 310 3.81 -5.43 11.89
N HIS B 311 2.63 -5.03 11.42
CA HIS B 311 2.43 -4.65 10.02
C HIS B 311 2.03 -3.19 9.93
N ASP B 312 2.05 -2.67 8.70
CA ASP B 312 1.71 -1.28 8.42
C ASP B 312 0.51 -1.16 7.49
N ASN B 313 -0.07 -2.27 7.05
CA ASN B 313 -1.25 -2.25 6.20
C ASN B 313 -2.10 -3.46 6.54
N ARG B 314 -3.08 -3.75 5.69
CA ARG B 314 -3.99 -4.86 5.94
C ARG B 314 -3.24 -6.19 5.97
N VAL B 315 -3.64 -7.06 6.88
CA VAL B 315 -3.11 -8.41 6.97
C VAL B 315 -4.11 -9.32 6.26
N SER B 316 -3.76 -9.76 5.05
CA SER B 316 -4.74 -10.43 4.19
C SER B 316 -4.79 -11.93 4.43
N CYS B 317 -3.66 -12.55 4.76
CA CYS B 317 -3.56 -14.01 4.80
C CYS B 317 -3.14 -14.47 6.18
N LEU B 318 -3.28 -15.77 6.41
CA LEU B 318 -2.94 -16.37 7.68
C LEU B 318 -2.85 -17.88 7.50
N GLY B 319 -1.81 -18.48 8.06
CA GLY B 319 -1.61 -19.91 7.92
C GLY B 319 -0.85 -20.48 9.11
N VAL B 320 -1.11 -21.77 9.39
CA VAL B 320 -0.48 -22.48 10.49
C VAL B 320 0.03 -23.81 9.96
N THR B 321 1.25 -24.17 10.33
CA THR B 321 1.88 -25.38 9.83
C THR B 321 1.18 -26.62 10.37
N ASP B 322 1.47 -27.77 9.73
CA ASP B 322 0.90 -29.03 10.19
C ASP B 322 1.36 -29.37 11.60
N ASP B 323 2.63 -29.15 11.89
CA ASP B 323 3.17 -29.37 13.22
C ASP B 323 2.99 -28.17 14.15
N GLY B 324 2.46 -27.06 13.63
CA GLY B 324 2.15 -25.92 14.47
C GLY B 324 3.33 -25.14 14.98
N MET B 325 4.50 -25.29 14.37
CA MET B 325 5.70 -24.64 14.89
C MET B 325 5.74 -23.15 14.57
N ALA B 326 5.16 -22.74 13.43
CA ALA B 326 5.27 -21.36 12.99
C ALA B 326 3.94 -20.86 12.46
N VAL B 327 3.80 -19.54 12.43
CA VAL B 327 2.61 -18.88 11.89
C VAL B 327 3.06 -17.86 10.85
N ALA B 328 2.48 -17.92 9.67
CA ALA B 328 2.84 -17.04 8.56
C ALA B 328 1.77 -15.99 8.38
N THR B 329 2.20 -14.74 8.21
CA THR B 329 1.28 -13.62 7.99
C THR B 329 1.72 -12.84 6.77
N GLY B 330 0.82 -12.69 5.80
CA GLY B 330 1.03 -11.79 4.69
C GLY B 330 0.29 -10.47 4.87
N SER B 331 0.62 -9.51 4.03
CA SER B 331 0.02 -8.18 4.15
C SER B 331 0.11 -7.48 2.80
N TRP B 332 -0.38 -6.24 2.77
CA TRP B 332 -0.37 -5.42 1.57
C TRP B 332 0.89 -4.57 1.46
N ASP B 333 1.83 -4.72 2.38
CA ASP B 333 3.12 -4.05 2.31
C ASP B 333 4.15 -4.82 1.50
N SER B 334 3.70 -5.85 0.76
CA SER B 334 4.59 -6.72 0.00
C SER B 334 5.60 -7.45 0.89
N PHE B 335 5.19 -7.78 2.11
CA PHE B 335 6.05 -8.45 3.07
C PHE B 335 5.34 -9.66 3.68
N LEU B 336 6.11 -10.70 3.95
CA LEU B 336 5.65 -11.86 4.70
C LEU B 336 6.45 -11.95 5.99
N LYS B 337 5.78 -12.32 7.08
CA LYS B 337 6.43 -12.46 8.38
C LYS B 337 6.15 -13.85 8.93
N ILE B 338 7.18 -14.46 9.52
CA ILE B 338 7.07 -15.76 10.15
C ILE B 338 7.25 -15.57 11.66
N TRP B 339 6.29 -16.07 12.43
CA TRP B 339 6.27 -15.92 13.88
C TRP B 339 6.37 -17.29 14.55
N ASN B 340 6.98 -17.30 15.73
CA ASN B 340 7.11 -18.51 16.51
C ASN B 340 7.19 -18.14 17.99
N ALA C 12 -39.52 -21.85 -5.40
CA ALA C 12 -39.86 -22.87 -6.38
C ALA C 12 -40.33 -24.14 -5.71
N ARG C 13 -40.86 -25.07 -6.52
CA ARG C 13 -41.34 -26.33 -5.98
C ARG C 13 -40.19 -27.19 -5.45
N LYS C 14 -38.96 -26.94 -5.91
CA LYS C 14 -37.82 -27.69 -5.42
C LYS C 14 -37.27 -27.13 -4.12
N LEU C 15 -37.46 -25.83 -3.88
CA LEU C 15 -36.95 -25.23 -2.64
C LEU C 15 -37.65 -25.82 -1.42
N VAL C 16 -38.98 -26.00 -1.49
CA VAL C 16 -39.70 -26.59 -0.37
C VAL C 16 -39.30 -28.05 -0.18
N GLU C 17 -39.02 -28.76 -1.27
CA GLU C 17 -38.54 -30.14 -1.16
C GLU C 17 -37.17 -30.17 -0.46
N GLN C 18 -36.31 -29.21 -0.79
CA GLN C 18 -34.97 -29.17 -0.21
C GLN C 18 -35.02 -29.06 1.31
N LEU C 19 -35.92 -28.22 1.83
CA LEU C 19 -36.01 -28.01 3.27
C LEU C 19 -36.47 -29.27 4.01
N LYS C 20 -37.02 -30.24 3.30
CA LYS C 20 -37.56 -31.42 3.97
C LYS C 20 -36.45 -32.25 4.62
N MET C 21 -35.38 -32.55 3.88
CA MET C 21 -34.32 -33.38 4.45
C MET C 21 -33.43 -32.60 5.41
N GLU C 22 -33.65 -31.30 5.56
CA GLU C 22 -32.89 -30.49 6.51
C GLU C 22 -33.51 -30.49 7.91
N ALA C 23 -34.62 -31.21 8.12
CA ALA C 23 -35.30 -31.22 9.40
C ALA C 23 -35.33 -32.58 10.08
N ASN C 24 -35.14 -33.67 9.35
CA ASN C 24 -35.24 -35.00 9.94
C ASN C 24 -33.93 -35.51 10.51
N ILE C 25 -32.83 -34.77 10.35
CA ILE C 25 -31.54 -35.22 10.85
C ILE C 25 -31.54 -35.18 12.38
N ASP C 26 -31.08 -36.26 13.00
CA ASP C 26 -31.07 -36.34 14.45
C ASP C 26 -30.09 -35.33 15.04
N ARG C 27 -30.44 -34.80 16.21
CA ARG C 27 -29.67 -33.73 16.84
C ARG C 27 -29.34 -34.13 18.27
N ILE C 28 -28.12 -33.82 18.69
CA ILE C 28 -27.60 -34.25 19.99
C ILE C 28 -27.46 -33.03 20.89
N LYS C 29 -27.67 -33.25 22.18
CA LYS C 29 -27.56 -32.18 23.17
C LYS C 29 -26.17 -31.55 23.13
N VAL C 30 -26.12 -30.25 23.37
CA VAL C 30 -24.87 -29.51 23.25
C VAL C 30 -23.86 -29.95 24.30
N SER C 31 -24.33 -30.49 25.43
CA SER C 31 -23.42 -30.87 26.50
C SER C 31 -22.44 -31.95 26.07
N LYS C 32 -22.91 -32.95 25.32
CA LYS C 32 -22.02 -34.01 24.86
C LYS C 32 -20.99 -33.46 23.88
N ALA C 33 -21.40 -32.57 22.98
CA ALA C 33 -20.45 -31.96 22.05
C ALA C 33 -19.40 -31.15 22.79
N ALA C 34 -19.83 -30.39 23.81
CA ALA C 34 -18.87 -29.61 24.59
C ALA C 34 -17.90 -30.52 25.33
N ALA C 35 -18.39 -31.64 25.88
CA ALA C 35 -17.51 -32.58 26.56
C ALA C 35 -16.50 -33.17 25.59
N ASP C 36 -16.94 -33.55 24.39
CA ASP C 36 -16.02 -34.10 23.39
C ASP C 36 -14.99 -33.07 22.98
N LEU C 37 -15.41 -31.81 22.80
CA LEU C 37 -14.49 -30.75 22.44
C LEU C 37 -13.45 -30.54 23.53
N MET C 38 -13.88 -30.54 24.79
CA MET C 38 -12.95 -30.40 25.91
C MET C 38 -11.96 -31.55 25.94
N ALA C 39 -12.45 -32.78 25.74
CA ALA C 39 -11.57 -33.94 25.77
C ALA C 39 -10.53 -33.85 24.66
N TYR C 40 -10.94 -33.49 23.45
CA TYR C 40 -9.98 -33.37 22.35
C TYR C 40 -8.97 -32.27 22.62
N CYS C 41 -9.42 -31.15 23.19
CA CYS C 41 -8.50 -30.05 23.47
C CYS C 41 -7.47 -30.46 24.53
N GLU C 42 -7.91 -31.16 25.58
CA GLU C 42 -7.01 -31.50 26.67
C GLU C 42 -6.17 -32.74 26.40
N ALA C 43 -6.52 -33.55 25.40
CA ALA C 43 -5.75 -34.74 25.11
C ALA C 43 -4.56 -34.48 24.18
N HIS C 44 -4.45 -33.27 23.63
CA HIS C 44 -3.36 -32.94 22.71
C HIS C 44 -2.62 -31.68 23.15
N ALA C 45 -2.66 -31.34 24.43
CA ALA C 45 -2.07 -30.10 24.90
C ALA C 45 -0.55 -30.15 24.94
N LYS C 46 0.04 -31.33 25.12
CA LYS C 46 1.49 -31.43 25.26
C LYS C 46 2.22 -31.42 23.92
N GLU C 47 1.50 -31.58 22.81
CA GLU C 47 2.10 -31.55 21.48
C GLU C 47 1.70 -30.31 20.69
N ASP C 48 1.50 -29.18 21.37
CA ASP C 48 1.16 -27.94 20.71
C ASP C 48 2.26 -26.91 20.97
N PRO C 49 3.20 -26.73 20.05
CA PRO C 49 4.33 -25.83 20.33
C PRO C 49 3.93 -24.39 20.59
N LEU C 50 2.87 -23.91 19.96
CA LEU C 50 2.49 -22.51 20.15
C LEU C 50 1.97 -22.25 21.56
N LEU C 51 1.16 -23.16 22.09
CA LEU C 51 0.60 -22.96 23.43
C LEU C 51 1.68 -23.07 24.50
N THR C 52 2.48 -24.14 24.45
CA THR C 52 3.59 -24.34 25.38
C THR C 52 4.88 -24.30 24.60
N PRO C 53 5.65 -23.20 24.68
CA PRO C 53 6.85 -23.07 23.84
C PRO C 53 7.86 -24.18 24.12
N VAL C 54 8.51 -24.63 23.05
CA VAL C 54 9.54 -25.65 23.15
C VAL C 54 10.87 -24.99 23.51
N PRO C 55 11.82 -25.72 24.09
CA PRO C 55 13.14 -25.14 24.32
C PRO C 55 13.83 -24.80 23.00
N ALA C 56 14.72 -23.81 23.06
CA ALA C 56 15.36 -23.30 21.85
C ALA C 56 16.23 -24.34 21.16
N SER C 57 16.58 -25.43 21.86
CA SER C 57 17.41 -26.46 21.25
C SER C 57 16.70 -27.14 20.09
N GLU C 58 15.41 -27.46 20.25
CA GLU C 58 14.65 -28.17 19.23
C GLU C 58 13.90 -27.24 18.30
N ASN C 59 13.96 -25.93 18.51
CA ASN C 59 13.24 -24.98 17.67
C ASN C 59 14.02 -24.74 16.38
N PRO C 60 13.44 -25.02 15.21
CA PRO C 60 14.16 -24.79 13.95
C PRO C 60 14.14 -23.35 13.46
N PHE C 61 13.50 -22.44 14.19
CA PHE C 61 13.45 -21.04 13.82
C PHE C 61 14.18 -20.24 14.91
N ARG C 62 15.47 -19.98 14.66
CA ARG C 62 16.29 -19.25 15.62
C ARG C 62 16.94 -18.03 14.98
N THR D 138 36.59 36.04 28.56
CA THR D 138 35.18 36.35 28.68
C THR D 138 34.44 36.06 27.37
N GLN D 139 34.81 36.80 26.33
CA GLN D 139 34.19 36.60 25.02
C GLN D 139 34.48 35.21 24.47
N ASP D 140 35.73 34.75 24.63
CA ASP D 140 36.09 33.42 24.15
C ASP D 140 35.33 32.33 24.88
N ALA D 141 35.10 32.51 26.18
CA ALA D 141 34.32 31.52 26.93
C ALA D 141 32.90 31.42 26.40
N LEU D 142 32.26 32.57 26.14
CA LEU D 142 30.93 32.55 25.55
C LEU D 142 30.94 31.86 24.19
N TYR D 143 31.94 32.17 23.37
CA TYR D 143 32.04 31.56 22.05
C TYR D 143 32.14 30.05 22.14
N VAL D 144 33.05 29.53 22.97
CA VAL D 144 33.24 28.09 23.05
C VAL D 144 32.02 27.40 23.68
N ALA D 145 31.42 28.02 24.69
CA ALA D 145 30.24 27.43 25.32
C ALA D 145 29.09 27.33 24.33
N LEU D 146 28.84 28.40 23.58
CA LEU D 146 27.76 28.36 22.59
C LEU D 146 28.06 27.35 21.48
N GLU D 147 29.32 27.24 21.06
CA GLU D 147 29.66 26.24 20.05
C GLU D 147 29.41 24.83 20.56
N LEU D 148 29.77 24.55 21.82
CA LEU D 148 29.52 23.24 22.39
C LEU D 148 28.03 22.94 22.48
N VAL D 149 27.23 23.93 22.90
CA VAL D 149 25.79 23.74 22.97
C VAL D 149 25.22 23.45 21.60
N ILE D 150 25.67 24.19 20.59
CA ILE D 150 25.19 23.97 19.23
C ILE D 150 25.54 22.57 18.75
N ALA D 151 26.76 22.12 19.02
CA ALA D 151 27.15 20.77 18.62
C ALA D 151 26.28 19.71 19.28
N ALA D 152 26.02 19.88 20.59
CA ALA D 152 25.20 18.90 21.30
C ALA D 152 23.78 18.84 20.73
N LEU D 153 23.15 20.00 20.55
CA LEU D 153 21.81 20.02 19.99
C LEU D 153 21.79 19.44 18.58
N SER D 154 22.80 19.74 17.77
CA SER D 154 22.83 19.23 16.40
C SER D 154 22.92 17.72 16.38
N VAL D 155 23.82 17.14 17.18
CA VAL D 155 23.96 15.68 17.17
C VAL D 155 22.68 15.03 17.68
N ALA D 156 22.09 15.58 18.75
CA ALA D 156 20.88 14.98 19.31
C ALA D 156 19.72 15.04 18.32
N GLY D 157 19.56 16.17 17.64
CA GLY D 157 18.48 16.28 16.67
C GLY D 157 18.69 15.41 15.44
N ASN D 158 19.93 15.31 14.98
CA ASN D 158 20.18 14.66 13.70
C ASN D 158 20.34 13.15 13.79
N VAL D 159 20.56 12.60 14.99
CA VAL D 159 20.59 11.13 15.07
C VAL D 159 19.21 10.54 14.84
N LEU D 160 18.15 11.27 15.22
CA LEU D 160 16.80 10.72 15.17
C LEU D 160 16.34 10.46 13.74
N VAL D 161 16.65 11.38 12.82
CA VAL D 161 16.21 11.22 11.44
C VAL D 161 16.83 9.98 10.82
N CYS D 162 18.13 9.77 11.03
CA CYS D 162 18.79 8.58 10.51
C CYS D 162 18.22 7.32 11.14
N ALA D 163 17.97 7.33 12.45
CA ALA D 163 17.39 6.16 13.08
C ALA D 163 16.01 5.84 12.52
N ALA D 164 15.17 6.86 12.36
CA ALA D 164 13.82 6.64 11.85
C ALA D 164 13.83 6.13 10.42
N VAL D 165 14.72 6.68 9.58
CA VAL D 165 14.82 6.21 8.21
C VAL D 165 15.29 4.76 8.18
N GLY D 166 16.26 4.42 9.02
CA GLY D 166 16.77 3.05 9.03
C GLY D 166 15.75 2.03 9.52
N THR D 167 14.96 2.40 10.52
CA THR D 167 14.08 1.45 11.19
C THR D 167 12.67 1.40 10.61
N ALA D 168 12.38 2.14 9.54
CA ALA D 168 11.05 2.17 8.95
C ALA D 168 11.10 1.68 7.51
N ASN D 169 10.22 0.74 7.19
CA ASN D 169 10.14 0.23 5.82
C ASN D 169 9.42 1.19 4.89
N THR D 170 8.41 1.91 5.39
CA THR D 170 7.65 2.83 4.56
C THR D 170 8.45 4.05 4.16
N LEU D 171 9.49 4.40 4.92
CA LEU D 171 10.29 5.58 4.64
C LEU D 171 11.50 5.28 3.76
N GLN D 172 11.64 4.06 3.28
CA GLN D 172 12.74 3.69 2.39
C GLN D 172 12.38 3.99 0.93
N THR D 173 12.16 5.28 0.67
CA THR D 173 11.83 5.79 -0.65
C THR D 173 13.02 6.54 -1.23
N PRO D 174 13.09 6.66 -2.57
CA PRO D 174 14.23 7.38 -3.17
C PRO D 174 14.38 8.82 -2.69
N THR D 175 13.27 9.49 -2.39
CA THR D 175 13.36 10.87 -1.90
C THR D 175 14.06 10.95 -0.55
N ASN D 176 13.75 10.02 0.35
CA ASN D 176 14.28 10.10 1.72
C ASN D 176 15.78 9.83 1.80
N TYR D 177 16.39 9.30 0.74
CA TYR D 177 17.82 9.08 0.77
C TYR D 177 18.59 10.39 0.81
N PHE D 178 18.13 11.40 0.07
CA PHE D 178 18.75 12.71 0.15
C PHE D 178 18.61 13.31 1.55
N LEU D 179 17.44 13.12 2.18
CA LEU D 179 17.25 13.62 3.54
C LEU D 179 18.18 12.93 4.52
N VAL D 180 18.36 11.61 4.39
CA VAL D 180 19.24 10.91 5.31
C VAL D 180 20.70 11.30 5.06
N SER D 181 21.06 11.59 3.80
CA SER D 181 22.40 12.11 3.53
C SER D 181 22.62 13.46 4.18
N LEU D 182 21.60 14.33 4.11
CA LEU D 182 21.69 15.63 4.78
C LEU D 182 21.84 15.46 6.28
N ALA D 183 21.06 14.55 6.87
CA ALA D 183 21.16 14.32 8.31
C ALA D 183 22.53 13.78 8.69
N ALA D 184 23.08 12.87 7.88
CA ALA D 184 24.41 12.33 8.15
C ALA D 184 25.46 13.42 8.09
N ALA D 185 25.39 14.29 7.08
CA ALA D 185 26.34 15.40 7.00
C ALA D 185 26.21 16.32 8.21
N ASP D 186 24.98 16.60 8.63
CA ASP D 186 24.78 17.48 9.78
C ASP D 186 25.34 16.88 11.07
N VAL D 187 25.10 15.58 11.30
CA VAL D 187 25.60 14.97 12.53
C VAL D 187 27.11 14.87 12.50
N ALA D 188 27.68 14.56 11.34
CA ALA D 188 29.14 14.54 11.22
C ALA D 188 29.73 15.92 11.51
N VAL D 189 29.08 16.98 11.01
CA VAL D 189 29.54 18.32 11.31
C VAL D 189 29.49 18.57 12.81
N GLY D 190 28.33 18.30 13.43
CA GLY D 190 28.17 18.55 14.85
C GLY D 190 29.08 17.73 15.73
N LEU D 191 29.60 16.61 15.22
CA LEU D 191 30.49 15.76 16.01
C LEU D 191 31.97 16.03 15.77
N PHE D 192 32.35 16.56 14.61
CA PHE D 192 33.77 16.74 14.32
C PHE D 192 34.17 18.18 14.01
N ALA D 193 33.35 18.91 13.25
CA ALA D 193 33.80 20.20 12.73
C ALA D 193 33.91 21.24 13.84
N ILE D 194 32.95 21.28 14.75
CA ILE D 194 32.93 22.31 15.80
C ILE D 194 34.12 22.15 16.74
N PRO D 195 34.37 20.99 17.37
CA PRO D 195 35.54 20.90 18.26
C PRO D 195 36.83 21.26 17.57
N PHE D 196 36.98 20.85 16.31
CA PHE D 196 38.12 21.30 15.52
C PHE D 196 38.11 22.82 15.37
N ALA D 197 36.91 23.42 15.30
CA ALA D 197 36.84 24.87 15.15
C ALA D 197 37.36 25.59 16.38
N ILE D 198 36.98 25.16 17.59
CA ILE D 198 37.55 25.80 18.78
C ILE D 198 39.04 25.47 18.89
N THR D 199 39.43 24.27 18.48
CA THR D 199 40.86 23.93 18.50
C THR D 199 41.66 24.90 17.62
N ILE D 200 41.13 25.21 16.44
CA ILE D 200 41.82 26.14 15.54
C ILE D 200 41.80 27.56 16.10
N SER D 201 40.65 28.01 16.60
CA SER D 201 40.50 29.39 17.01
C SER D 201 41.14 29.69 18.37
N LEU D 202 41.52 28.66 19.13
CA LEU D 202 42.12 28.90 20.44
C LEU D 202 43.44 29.65 20.32
N GLY D 203 44.28 29.25 19.35
CA GLY D 203 45.55 29.91 19.14
C GLY D 203 46.73 29.23 19.79
N PHE D 204 46.86 27.92 19.59
CA PHE D 204 47.98 27.18 20.13
C PHE D 204 49.05 26.96 19.05
N CYS D 205 50.22 26.49 19.47
CA CYS D 205 51.36 26.35 18.59
C CYS D 205 51.56 24.89 18.19
N THR D 206 51.76 24.65 16.90
CA THR D 206 52.04 23.32 16.38
C THR D 206 52.69 23.46 15.01
N ASP D 207 52.81 22.34 14.30
CA ASP D 207 53.38 22.35 12.97
C ASP D 207 52.41 22.98 11.97
N PHE D 208 52.97 23.47 10.86
CA PHE D 208 52.15 24.12 9.84
C PHE D 208 51.17 23.15 9.21
N TYR D 209 51.63 21.94 8.88
CA TYR D 209 50.77 20.98 8.20
C TYR D 209 49.83 20.23 9.13
N GLY D 210 49.96 20.41 10.44
CA GLY D 210 49.04 19.84 11.40
C GLY D 210 47.84 20.71 11.71
N CYS D 211 47.71 21.84 11.02
CA CYS D 211 46.63 22.79 11.20
C CYS D 211 45.80 22.96 9.95
N LEU D 212 46.46 22.94 8.79
CA LEU D 212 45.77 22.95 7.51
C LEU D 212 44.85 21.74 7.36
N PHE D 213 45.24 20.60 7.94
CA PHE D 213 44.39 19.41 7.88
C PHE D 213 43.06 19.66 8.58
N LEU D 214 43.11 20.25 9.78
CA LEU D 214 41.87 20.56 10.49
C LEU D 214 41.04 21.56 9.71
N ALA D 215 41.68 22.59 9.15
CA ALA D 215 40.93 23.60 8.39
C ALA D 215 40.23 22.95 7.20
N CYS D 216 40.94 22.10 6.46
CA CYS D 216 40.36 21.49 5.27
C CYS D 216 39.23 20.52 5.65
N PHE D 217 39.40 19.80 6.76
CA PHE D 217 38.34 18.91 7.23
C PHE D 217 37.06 19.71 7.55
N VAL D 218 37.23 20.84 8.23
CA VAL D 218 36.08 21.70 8.53
C VAL D 218 35.41 22.16 7.24
N LEU D 219 36.21 22.57 6.26
CA LEU D 219 35.65 23.05 4.99
C LEU D 219 34.87 21.95 4.28
N VAL D 220 35.40 20.73 4.23
CA VAL D 220 34.72 19.64 3.55
C VAL D 220 33.40 19.34 4.22
N LEU D 221 33.42 19.20 5.56
CA LEU D 221 32.21 18.85 6.28
C LEU D 221 31.14 19.93 6.13
N THR D 222 31.54 21.21 6.08
CA THR D 222 30.55 22.26 5.89
C THR D 222 30.02 22.31 4.47
N GLN D 223 30.85 22.05 3.46
CA GLN D 223 30.40 22.13 2.07
C GLN D 223 29.43 20.99 1.72
N SER D 224 29.60 19.82 2.34
CA SER D 224 28.70 18.71 2.06
C SER D 224 27.24 19.07 2.34
N SER D 225 27.00 19.87 3.37
CA SER D 225 25.63 20.25 3.71
C SER D 225 25.00 21.09 2.60
N ILE D 226 25.74 22.06 2.05
CA ILE D 226 25.21 22.88 0.98
C ILE D 226 24.92 22.03 -0.25
N PHE D 227 25.81 21.10 -0.56
CA PHE D 227 25.57 20.24 -1.72
C PHE D 227 24.31 19.39 -1.52
N SER D 228 24.11 18.86 -0.30
CA SER D 228 22.92 18.07 -0.03
C SER D 228 21.66 18.93 -0.11
N LEU D 229 21.73 20.19 0.33
CA LEU D 229 20.59 21.09 0.20
C LEU D 229 20.22 21.31 -1.27
N LEU D 230 21.24 21.51 -2.11
CA LEU D 230 20.95 21.67 -3.54
C LEU D 230 20.33 20.41 -4.11
N ALA D 231 20.83 19.24 -3.69
CA ALA D 231 20.26 17.98 -4.18
C ALA D 231 18.79 17.83 -3.80
N VAL D 232 18.45 18.12 -2.55
CA VAL D 232 17.06 18.00 -2.13
C VAL D 232 16.19 19.01 -2.86
N ALA D 233 16.72 20.22 -3.12
CA ALA D 233 15.96 21.22 -3.84
C ALA D 233 15.63 20.76 -5.26
N VAL D 234 16.63 20.22 -5.96
CA VAL D 234 16.38 19.78 -7.34
C VAL D 234 15.44 18.58 -7.37
N ASP D 235 15.57 17.69 -6.39
CA ASP D 235 14.64 16.55 -6.30
C ASP D 235 13.22 17.05 -6.11
N ARG D 236 13.03 18.04 -5.22
CA ARG D 236 11.69 18.59 -4.99
C ARG D 236 11.14 19.24 -6.24
N TYR D 237 11.98 19.98 -6.98
CA TYR D 237 11.51 20.63 -8.20
C TYR D 237 11.08 19.61 -9.25
N LEU D 238 11.85 18.52 -9.38
CA LEU D 238 11.62 17.59 -10.47
C LEU D 238 10.23 16.96 -10.40
N ALA D 239 9.77 16.65 -9.18
CA ALA D 239 8.47 16.00 -9.04
C ALA D 239 7.33 16.95 -9.38
N ILE D 240 7.41 18.20 -8.92
CA ILE D 240 6.30 19.13 -9.11
C ILE D 240 6.24 19.63 -10.55
N CYS D 241 7.36 20.10 -11.09
CA CYS D 241 7.34 20.72 -12.40
C CYS D 241 7.45 19.72 -13.56
N VAL D 242 7.79 18.47 -13.28
CA VAL D 242 7.78 17.41 -14.28
C VAL D 242 7.04 16.22 -13.68
N PRO D 243 5.70 16.25 -13.65
CA PRO D 243 4.98 15.27 -12.83
C PRO D 243 5.00 13.85 -13.37
N LEU D 244 4.74 13.67 -14.67
CA LEU D 244 4.54 12.32 -15.20
C LEU D 244 5.84 11.53 -15.31
N ARG D 245 6.97 12.21 -15.50
CA ARG D 245 8.25 11.54 -15.70
C ARG D 245 9.13 11.55 -14.46
N TYR D 246 8.54 11.75 -13.27
CA TYR D 246 9.33 11.76 -12.04
C TYR D 246 9.79 10.36 -11.67
N LYS D 247 8.90 9.38 -11.76
CA LYS D 247 9.24 8.02 -11.33
C LYS D 247 10.33 7.41 -12.20
N SER D 248 10.28 7.66 -13.51
CA SER D 248 11.23 7.06 -14.43
C SER D 248 12.61 7.72 -14.39
N LEU D 249 12.74 8.88 -13.75
CA LEU D 249 14.01 9.59 -13.68
C LEU D 249 14.70 9.45 -12.32
N VAL D 250 13.94 9.23 -11.25
CA VAL D 250 14.50 9.11 -9.91
C VAL D 250 14.36 7.65 -9.49
N THR D 251 15.49 6.98 -9.33
CA THR D 251 15.57 5.60 -8.88
C THR D 251 16.61 5.50 -7.78
N GLY D 252 16.69 4.34 -7.13
CA GLY D 252 17.68 4.14 -6.10
C GLY D 252 19.11 4.21 -6.63
N THR D 253 19.34 3.61 -7.80
CA THR D 253 20.69 3.59 -8.37
C THR D 253 21.18 5.01 -8.66
N ARG D 254 20.37 5.80 -9.36
CA ARG D 254 20.77 7.16 -9.69
C ARG D 254 20.90 8.05 -8.46
N ALA D 255 20.03 7.87 -7.47
CA ALA D 255 20.17 8.63 -6.23
C ALA D 255 21.46 8.31 -5.51
N ARG D 256 21.81 7.01 -5.42
CA ARG D 256 23.06 6.63 -4.79
C ARG D 256 24.26 7.18 -5.55
N GLY D 257 24.23 7.11 -6.88
CA GLY D 257 25.31 7.69 -7.66
C GLY D 257 25.45 9.19 -7.44
N VAL D 258 24.32 9.91 -7.39
CA VAL D 258 24.37 11.34 -7.16
C VAL D 258 24.95 11.66 -5.79
N ILE D 259 24.55 10.91 -4.77
CA ILE D 259 25.08 11.15 -3.42
C ILE D 259 26.60 10.91 -3.39
N ALA D 260 27.04 9.82 -4.01
CA ALA D 260 28.48 9.53 -4.04
C ALA D 260 29.25 10.64 -4.75
N VAL D 261 28.73 11.11 -5.89
CA VAL D 261 29.40 12.18 -6.63
C VAL D 261 29.43 13.46 -5.81
N LEU D 262 28.35 13.77 -5.09
CA LEU D 262 28.34 14.98 -4.26
C LEU D 262 29.41 14.91 -3.18
N TRP D 263 29.52 13.78 -2.49
CA TRP D 263 30.52 13.68 -1.43
C TRP D 263 31.94 13.70 -2.00
N VAL D 264 32.16 13.04 -3.13
CA VAL D 264 33.49 13.05 -3.74
C VAL D 264 33.87 14.46 -4.17
N LEU D 265 32.93 15.20 -4.77
CA LEU D 265 33.21 16.57 -5.16
C LEU D 265 33.48 17.46 -3.95
N ALA D 266 32.75 17.24 -2.85
CA ALA D 266 33.02 18.01 -1.64
C ALA D 266 34.43 17.75 -1.13
N PHE D 267 34.85 16.48 -1.11
CA PHE D 267 36.22 16.16 -0.69
C PHE D 267 37.24 16.78 -1.63
N GLY D 268 36.98 16.75 -2.94
CA GLY D 268 37.91 17.34 -3.89
C GLY D 268 38.05 18.84 -3.71
N ILE D 269 36.94 19.54 -3.50
CA ILE D 269 36.98 20.98 -3.32
C ILE D 269 37.69 21.34 -2.01
N GLY D 270 37.40 20.60 -0.94
CA GLY D 270 37.95 20.95 0.35
C GLY D 270 39.46 20.80 0.45
N LEU D 271 40.02 19.76 -0.16
CA LEU D 271 41.45 19.46 -0.02
C LEU D 271 42.30 20.14 -1.09
N THR D 272 41.74 21.12 -1.80
CA THR D 272 42.52 21.86 -2.77
C THR D 272 43.75 22.56 -2.19
N PRO D 273 43.71 23.18 -1.00
CA PRO D 273 44.91 23.86 -0.50
C PRO D 273 46.15 22.97 -0.41
N PHE D 274 46.00 21.69 -0.05
CA PHE D 274 47.16 20.81 0.01
C PHE D 274 47.87 20.68 -1.34
N LEU D 275 47.17 20.93 -2.44
CA LEU D 275 47.79 20.91 -3.76
C LEU D 275 48.78 22.04 -3.97
N GLY D 276 48.76 23.07 -3.11
CA GLY D 276 49.74 24.14 -3.24
C GLY D 276 49.19 25.53 -3.04
N TRP D 277 47.89 25.62 -2.71
CA TRP D 277 47.25 26.92 -2.46
C TRP D 277 47.27 27.22 -0.96
N ASN D 278 48.46 27.55 -0.48
CA ASN D 278 48.68 27.77 0.95
C ASN D 278 49.38 29.10 1.21
N SER D 279 49.80 29.32 2.45
CA SER D 279 50.51 30.53 2.84
C SER D 279 51.79 30.20 3.61
N LYS D 280 52.42 29.07 3.28
CA LYS D 280 53.65 28.69 3.96
C LYS D 280 54.77 29.68 3.68
N ASP D 281 54.86 30.18 2.45
CA ASP D 281 55.92 31.12 2.10
C ASP D 281 55.82 32.42 2.87
N SER D 282 54.66 32.72 3.45
CA SER D 282 54.47 33.92 4.25
C SER D 282 54.48 33.66 5.74
N ALA D 283 53.91 32.54 6.19
CA ALA D 283 53.86 32.16 7.60
C ALA D 283 53.24 33.25 8.46
N LEU D 301 55.77 26.17 16.26
CA LEU D 301 56.47 26.72 15.11
C LEU D 301 55.62 27.73 14.36
N VAL D 302 54.36 27.38 14.14
CA VAL D 302 53.42 28.22 13.41
C VAL D 302 52.19 28.46 14.27
N LYS D 303 51.77 29.71 14.39
CA LYS D 303 50.58 30.08 15.14
C LYS D 303 49.34 29.65 14.35
N CYS D 304 48.50 28.83 14.96
CA CYS D 304 47.26 28.38 14.32
C CYS D 304 46.20 29.46 14.40
N LEU D 305 46.05 30.22 13.33
CA LEU D 305 44.87 31.01 13.08
C LEU D 305 44.37 30.66 11.68
N PHE D 306 43.06 30.75 11.48
CA PHE D 306 42.49 30.32 10.21
C PHE D 306 43.02 31.14 9.05
N GLU D 307 43.24 32.44 9.25
CA GLU D 307 43.76 33.29 8.19
C GLU D 307 45.25 33.08 7.92
N ASN D 308 45.98 32.50 8.87
CA ASN D 308 47.43 32.32 8.68
C ASN D 308 47.73 31.16 7.75
N VAL D 309 46.91 30.11 7.79
CA VAL D 309 47.22 28.91 7.02
C VAL D 309 46.64 28.98 5.61
N VAL D 310 45.36 29.26 5.48
CA VAL D 310 44.68 29.34 4.19
C VAL D 310 44.44 30.80 3.86
N PRO D 311 44.78 31.25 2.66
CA PRO D 311 44.66 32.68 2.34
C PRO D 311 43.23 33.08 2.00
N MET D 312 43.00 34.39 2.01
CA MET D 312 41.69 34.94 1.66
C MET D 312 41.47 35.00 0.16
N SER D 313 42.51 34.80 -0.65
CA SER D 313 42.34 34.72 -2.09
C SER D 313 41.76 33.40 -2.54
N TYR D 314 41.55 32.46 -1.61
CA TYR D 314 40.96 31.15 -1.90
C TYR D 314 39.49 31.09 -1.53
N MET D 315 39.12 31.59 -0.36
CA MET D 315 37.74 31.52 0.09
C MET D 315 36.82 32.39 -0.75
N VAL D 316 37.26 33.60 -1.09
CA VAL D 316 36.41 34.52 -1.82
C VAL D 316 36.25 34.08 -3.27
N TYR D 317 37.36 33.77 -3.94
CA TYR D 317 37.32 33.49 -5.37
C TYR D 317 36.87 32.07 -5.71
N PHE D 318 37.20 31.09 -4.87
CA PHE D 318 36.92 29.69 -5.18
C PHE D 318 35.75 29.15 -4.37
N ASN D 319 35.74 29.36 -3.06
CA ASN D 319 34.72 28.78 -2.20
C ASN D 319 33.44 29.60 -2.14
N PHE D 320 33.46 30.85 -2.63
CA PHE D 320 32.27 31.70 -2.64
C PHE D 320 31.73 31.91 -4.04
N PHE D 321 32.59 32.19 -5.01
CA PHE D 321 32.15 32.42 -6.38
C PHE D 321 31.91 31.13 -7.15
N GLY D 322 32.23 29.98 -6.59
CA GLY D 322 32.05 28.72 -7.30
C GLY D 322 31.53 27.58 -6.47
N CYS D 323 31.20 27.84 -5.20
CA CYS D 323 30.71 26.78 -4.32
C CYS D 323 29.50 27.16 -3.48
N VAL D 324 29.12 28.43 -3.41
CA VAL D 324 28.04 28.89 -2.54
C VAL D 324 26.98 29.66 -3.31
N LEU D 325 27.39 30.67 -4.07
CA LEU D 325 26.42 31.54 -4.75
C LEU D 325 25.57 30.81 -5.79
N PRO D 326 26.13 30.03 -6.72
CA PRO D 326 25.29 29.37 -7.74
C PRO D 326 24.23 28.47 -7.13
N PRO D 327 24.53 27.71 -6.07
CA PRO D 327 23.43 26.98 -5.40
C PRO D 327 22.32 27.89 -4.90
N LEU D 328 22.66 29.05 -4.34
CA LEU D 328 21.62 29.95 -3.86
C LEU D 328 20.76 30.47 -5.02
N LEU D 329 21.39 30.82 -6.14
CA LEU D 329 20.62 31.27 -7.30
C LEU D 329 19.71 30.17 -7.83
N ILE D 330 20.22 28.94 -7.91
CA ILE D 330 19.41 27.82 -8.39
C ILE D 330 18.22 27.59 -7.46
N MET D 331 18.45 27.61 -6.15
CA MET D 331 17.35 27.43 -5.21
C MET D 331 16.32 28.53 -5.34
N LEU D 332 16.77 29.77 -5.51
CA LEU D 332 15.83 30.88 -5.68
C LEU D 332 14.95 30.68 -6.91
N VAL D 333 15.56 30.30 -8.04
CA VAL D 333 14.78 30.09 -9.26
C VAL D 333 13.78 28.96 -9.06
N ILE D 334 14.22 27.85 -8.45
CA ILE D 334 13.36 26.69 -8.25
C ILE D 334 12.16 27.06 -7.39
N TYR D 335 12.40 27.75 -6.27
CA TYR D 335 11.34 28.06 -5.34
C TYR D 335 10.48 29.25 -5.77
N ILE D 336 10.89 29.99 -6.79
CA ILE D 336 9.97 30.92 -7.43
C ILE D 336 9.06 30.19 -8.42
N LYS D 337 9.62 29.29 -9.21
CA LYS D 337 8.81 28.56 -10.18
C LYS D 337 7.76 27.68 -9.50
N ILE D 338 8.13 27.01 -8.41
CA ILE D 338 7.17 26.18 -7.69
C ILE D 338 6.04 27.03 -7.14
N PHE D 339 6.36 28.22 -6.64
CA PHE D 339 5.32 29.12 -6.14
C PHE D 339 4.37 29.55 -7.25
N LEU D 340 4.92 29.85 -8.43
CA LEU D 340 4.06 30.21 -9.56
C LEU D 340 3.12 29.07 -9.93
N VAL D 341 3.64 27.84 -9.95
CA VAL D 341 2.81 26.68 -10.27
C VAL D 341 1.70 26.51 -9.23
N ALA D 342 2.05 26.64 -7.95
CA ALA D 342 1.06 26.50 -6.90
C ALA D 342 0.01 27.62 -6.93
N CYS D 343 0.40 28.82 -7.34
CA CYS D 343 -0.57 29.91 -7.46
C CYS D 343 -1.54 29.65 -8.61
N ARG D 344 -1.03 29.16 -9.75
CA ARG D 344 -1.92 28.84 -10.85
C ARG D 344 -2.89 27.71 -10.48
N GLN D 345 -2.39 26.68 -9.80
CA GLN D 345 -3.24 25.58 -9.40
C GLN D 345 -4.30 25.97 -8.37
N LEU D 346 -4.07 27.04 -7.61
CA LEU D 346 -5.07 27.53 -6.68
C LEU D 346 -6.07 28.47 -7.36
N GLN D 347 -5.60 29.26 -8.34
CA GLN D 347 -6.54 30.06 -9.13
C GLN D 347 -7.51 29.16 -9.89
N ARG D 348 -7.01 28.06 -10.43
CA ARG D 348 -7.92 27.09 -11.07
C ARG D 348 -8.82 26.41 -10.04
N THR D 349 -8.28 26.15 -8.84
CA THR D 349 -9.05 25.43 -7.82
C THR D 349 -10.25 26.26 -7.34
N GLU D 350 -10.02 27.54 -7.03
CA GLU D 350 -11.05 28.34 -6.39
C GLU D 350 -12.28 28.50 -7.29
N LEU D 351 -12.06 28.73 -8.58
CA LEU D 351 -13.17 28.91 -9.50
C LEU D 351 -13.64 27.56 -10.04
N ARG D 356 -11.44 28.73 3.36
CA ARG D 356 -10.89 30.07 3.27
C ARG D 356 -10.94 30.59 1.84
N THR D 357 -10.34 31.75 1.62
CA THR D 357 -10.29 32.37 0.30
C THR D 357 -8.97 32.04 -0.39
N THR D 358 -8.87 32.46 -1.64
CA THR D 358 -7.65 32.21 -2.40
C THR D 358 -6.44 32.93 -1.81
N LEU D 359 -6.64 34.15 -1.31
CA LEU D 359 -5.51 34.92 -0.78
C LEU D 359 -4.97 34.29 0.51
N GLN D 360 -5.86 33.79 1.36
CA GLN D 360 -5.42 33.21 2.63
C GLN D 360 -4.65 31.90 2.41
N ARG D 361 -4.86 31.24 1.27
CA ARG D 361 -4.09 30.07 0.92
C ARG D 361 -2.86 30.38 0.07
N GLU D 362 -2.84 31.54 -0.60
CA GLU D 362 -1.62 31.98 -1.28
C GLU D 362 -0.59 32.48 -0.28
N ILE D 363 -1.03 33.20 0.75
CA ILE D 363 -0.11 33.72 1.76
C ILE D 363 0.57 32.56 2.49
N HIS D 364 -0.17 31.50 2.79
CA HIS D 364 0.43 30.35 3.47
C HIS D 364 1.52 29.71 2.63
N ALA D 365 1.27 29.54 1.32
CA ALA D 365 2.29 28.96 0.44
C ALA D 365 3.51 29.86 0.35
N ALA D 366 3.29 31.18 0.24
CA ALA D 366 4.41 32.10 0.19
C ALA D 366 5.24 32.04 1.47
N LYS D 367 4.57 32.00 2.62
CA LYS D 367 5.27 31.90 3.90
C LYS D 367 6.06 30.60 4.00
N SER D 368 5.47 29.49 3.54
CA SER D 368 6.17 28.21 3.61
C SER D 368 7.39 28.19 2.72
N LEU D 369 7.29 28.76 1.51
CA LEU D 369 8.42 28.72 0.58
C LEU D 369 9.48 29.76 0.89
N ALA D 370 9.14 30.84 1.58
CA ALA D 370 10.12 31.89 1.82
C ALA D 370 11.17 31.49 2.86
N MET D 371 10.76 30.77 3.91
CA MET D 371 11.66 30.47 5.01
C MET D 371 12.84 29.60 4.59
N ILE D 372 12.66 28.71 3.62
CA ILE D 372 13.74 27.82 3.20
C ILE D 372 14.91 28.63 2.65
N VAL D 373 14.63 29.60 1.81
CA VAL D 373 15.69 30.45 1.28
C VAL D 373 16.16 31.48 2.31
N GLY D 374 15.24 31.99 3.14
CA GLY D 374 15.63 33.01 4.10
C GLY D 374 16.61 32.51 5.14
N ILE D 375 16.38 31.29 5.65
CA ILE D 375 17.28 30.72 6.65
C ILE D 375 18.67 30.53 6.07
N PHE D 376 18.76 29.98 4.85
CA PHE D 376 20.03 29.78 4.20
C PHE D 376 20.76 31.10 3.97
N ALA D 377 20.03 32.13 3.52
CA ALA D 377 20.66 33.41 3.27
C ALA D 377 21.15 34.06 4.56
N LEU D 378 20.38 33.90 5.64
CA LEU D 378 20.81 34.47 6.92
C LEU D 378 21.97 33.70 7.52
N CYS D 379 22.08 32.41 7.22
CA CYS D 379 23.13 31.59 7.83
C CYS D 379 24.45 31.63 7.08
N TRP D 380 24.45 31.79 5.76
CA TRP D 380 25.70 31.64 5.03
C TRP D 380 26.32 32.95 4.54
N LEU D 381 25.52 33.96 4.24
CA LEU D 381 26.06 35.18 3.64
C LEU D 381 27.04 35.93 4.53
N PRO D 382 26.78 36.17 5.82
CA PRO D 382 27.65 37.07 6.59
C PRO D 382 29.12 36.69 6.63
N VAL D 383 29.43 35.40 6.71
CA VAL D 383 30.83 34.97 6.78
C VAL D 383 31.59 35.43 5.54
N HIS D 384 31.03 35.15 4.37
CA HIS D 384 31.70 35.51 3.14
C HIS D 384 31.64 37.01 2.87
N ALA D 385 30.62 37.70 3.40
CA ALA D 385 30.63 39.16 3.34
C ALA D 385 31.81 39.73 4.12
N VAL D 386 32.06 39.20 5.32
CA VAL D 386 33.20 39.64 6.10
C VAL D 386 34.51 39.31 5.38
N ASN D 387 34.58 38.11 4.78
CA ASN D 387 35.79 37.74 4.04
C ASN D 387 36.05 38.69 2.88
N CYS D 388 35.00 39.03 2.13
CA CYS D 388 35.16 39.98 1.03
C CYS D 388 35.56 41.36 1.51
N VAL D 389 34.99 41.81 2.63
CA VAL D 389 35.38 43.10 3.20
C VAL D 389 36.85 43.09 3.57
N THR D 390 37.32 42.00 4.18
CA THR D 390 38.73 41.89 4.54
C THR D 390 39.62 41.90 3.30
N LEU D 391 39.22 41.18 2.25
CA LEU D 391 40.09 41.04 1.09
C LEU D 391 40.16 42.33 0.27
N PHE D 392 39.01 42.97 0.02
CA PHE D 392 38.99 44.05 -0.94
C PHE D 392 39.46 45.37 -0.32
N GLN D 393 38.75 45.86 0.69
CA GLN D 393 39.10 47.13 1.30
C GLN D 393 39.84 46.88 2.60
N PRO D 394 41.14 47.17 2.69
CA PRO D 394 41.86 46.88 3.94
C PRO D 394 41.62 47.92 5.02
N ALA D 395 41.27 49.15 4.65
CA ALA D 395 41.11 50.21 5.65
C ALA D 395 40.03 49.85 6.66
N GLN D 396 38.89 49.36 6.18
CA GLN D 396 37.83 48.91 7.10
C GLN D 396 38.16 47.55 7.69
N GLY D 397 38.78 46.67 6.90
CA GLY D 397 38.99 45.30 7.35
C GLY D 397 39.97 45.18 8.51
N LYS D 398 41.00 46.04 8.52
CA LYS D 398 42.06 45.90 9.51
C LYS D 398 41.55 46.08 10.93
N ASN D 399 40.65 47.04 11.14
CA ASN D 399 40.16 47.37 12.48
C ASN D 399 38.65 47.13 12.53
N LYS D 400 38.25 46.01 13.10
CA LYS D 400 36.87 45.68 13.38
C LYS D 400 36.79 44.94 14.70
N PRO D 401 35.65 45.00 15.38
CA PRO D 401 35.53 44.25 16.64
C PRO D 401 35.73 42.76 16.41
N LYS D 402 36.38 42.12 17.40
CA LYS D 402 36.74 40.71 17.25
C LYS D 402 35.50 39.81 17.16
N TRP D 403 34.50 40.08 18.00
CA TRP D 403 33.34 39.19 18.08
C TRP D 403 32.46 39.24 16.83
N ALA D 404 32.69 40.21 15.93
CA ALA D 404 31.92 40.26 14.70
C ALA D 404 32.15 39.00 13.86
N MET D 405 33.39 38.53 13.83
CA MET D 405 33.72 37.33 13.06
C MET D 405 33.18 36.08 13.76
N ASN D 406 33.23 36.07 15.09
CA ASN D 406 32.71 34.95 15.87
C ASN D 406 31.21 34.79 15.68
N MET D 407 30.49 35.92 15.62
CA MET D 407 29.04 35.86 15.39
C MET D 407 28.74 35.25 14.03
N ALA D 408 29.54 35.60 13.02
CA ALA D 408 29.37 35.00 11.70
C ALA D 408 29.62 33.50 11.73
N ILE D 409 30.65 33.06 12.46
CA ILE D 409 30.90 31.63 12.59
C ILE D 409 29.71 30.93 13.25
N LEU D 410 29.18 31.52 14.31
CA LEU D 410 28.03 30.91 14.99
C LEU D 410 26.83 30.83 14.06
N LEU D 411 26.55 31.89 13.32
CA LEU D 411 25.43 31.87 12.38
C LEU D 411 25.63 30.84 11.30
N SER D 412 26.87 30.67 10.82
CA SER D 412 27.14 29.66 9.80
C SER D 412 26.97 28.24 10.32
N HIS D 413 27.36 27.98 11.57
CA HIS D 413 27.23 26.64 12.13
C HIS D 413 25.85 26.37 12.72
N ALA D 414 24.99 27.38 12.83
CA ALA D 414 23.66 27.17 13.37
C ALA D 414 22.70 26.51 12.39
N ASN D 415 23.12 26.28 11.14
CA ASN D 415 22.25 25.67 10.15
C ASN D 415 21.97 24.19 10.41
N SER D 416 22.87 23.50 11.11
CA SER D 416 22.73 22.07 11.34
C SER D 416 21.57 21.72 12.27
N VAL D 417 21.13 22.65 13.12
CA VAL D 417 19.99 22.41 13.98
C VAL D 417 18.68 22.85 13.34
N VAL D 418 18.72 23.72 12.34
CA VAL D 418 17.50 24.18 11.69
C VAL D 418 17.17 23.37 10.44
N ASN D 419 18.15 22.67 9.86
CA ASN D 419 17.84 21.84 8.70
C ASN D 419 16.82 20.74 8.99
N PRO D 420 16.98 19.90 10.03
CA PRO D 420 15.99 18.84 10.24
C PRO D 420 14.59 19.35 10.52
N ILE D 421 14.47 20.48 11.23
CA ILE D 421 13.15 21.02 11.54
C ILE D 421 12.43 21.45 10.27
N VAL D 422 13.15 22.14 9.38
CA VAL D 422 12.54 22.64 8.15
C VAL D 422 12.23 21.50 7.19
N TYR D 423 13.15 20.55 7.03
CA TYR D 423 13.03 19.56 5.97
C TYR D 423 12.43 18.23 6.43
N ALA D 424 12.77 17.76 7.63
CA ALA D 424 12.38 16.42 8.03
C ALA D 424 11.11 16.40 8.88
N TYR D 425 11.07 17.18 9.96
CA TYR D 425 9.96 17.08 10.91
C TYR D 425 8.65 17.63 10.35
N ARG D 426 8.68 18.37 9.26
CA ARG D 426 7.48 18.95 8.68
C ARG D 426 6.70 17.97 7.81
N ASN D 427 7.38 17.00 7.19
CA ASN D 427 6.71 16.06 6.30
C ASN D 427 5.75 15.16 7.07
N ARG D 428 4.69 14.73 6.39
CA ARG D 428 3.64 13.96 7.07
C ARG D 428 4.11 12.54 7.40
N ASP D 429 4.90 11.93 6.52
CA ASP D 429 5.32 10.55 6.75
C ASP D 429 6.16 10.43 8.01
N PHE D 430 7.09 11.37 8.21
CA PHE D 430 7.91 11.35 9.43
C PHE D 430 7.06 11.54 10.67
N ARG D 431 6.07 12.44 10.62
CA ARG D 431 5.20 12.66 11.77
C ARG D 431 4.39 11.41 12.09
N TYR D 432 3.86 10.74 11.07
CA TYR D 432 3.12 9.51 11.30
C TYR D 432 4.00 8.42 11.90
N THR D 433 5.21 8.25 11.36
CA THR D 433 6.11 7.24 11.90
C THR D 433 6.49 7.55 13.34
N PHE D 434 6.76 8.83 13.65
CA PHE D 434 7.10 9.21 15.01
C PHE D 434 5.94 8.96 15.96
N HIS D 435 4.72 9.29 15.54
CA HIS D 435 3.56 9.04 16.39
C HIS D 435 3.39 7.56 16.65
N LYS D 436 3.53 6.73 15.61
CA LYS D 436 3.39 5.29 15.78
C LYS D 436 4.46 4.74 16.72
N ILE D 437 5.70 5.19 16.57
CA ILE D 437 6.78 4.70 17.42
C ILE D 437 6.57 5.13 18.85
N ILE D 438 6.16 6.38 19.07
CA ILE D 438 5.92 6.88 20.42
C ILE D 438 4.78 6.11 21.08
N SER D 439 3.68 5.91 20.34
CA SER D 439 2.53 5.19 20.90
C SER D 439 2.89 3.75 21.23
N ARG D 440 3.62 3.08 20.34
CA ARG D 440 4.01 1.69 20.60
C ARG D 440 4.99 1.61 21.76
N TYR D 441 5.92 2.55 21.85
CA TYR D 441 6.90 2.57 22.93
C TYR D 441 6.65 3.72 23.89
#